data_3BTN
#
_entry.id   3BTN
#
_cell.length_a   92.769
_cell.length_b   98.389
_cell.length_c   117.331
_cell.angle_alpha   90.00
_cell.angle_beta   90.00
_cell.angle_gamma   90.00
#
_symmetry.space_group_name_H-M   'P 21 21 2'
#
loop_
_entity.id
_entity.type
_entity.pdbx_description
1 polymer 'Antizyme inhibitor 1'
2 water water
#
_entity_poly.entity_id   1
_entity_poly.type   'polypeptide(L)'
_entity_poly.pdbx_seq_one_letter_code
;MKGFIDDANYSVGLLDEGTNLGNVIDNYVYEHTLTGKNAFFVGDLGKIVKKHSQWQTVVAQIKPFYTVKCNSTPAVLEIL
AALGTGFACSSKNEMALVQELGVSPENIIFTSPCKQVSQIKYAAKVGVNIMTCDNEIELKKIARNHPNAKVLLHIATEDN
IGGEDGNMKFGTTLKNCRHLLECAKELDVQIIGVKFHVSSACKEYQVYVHALSDARCVFDMAGEFGFTMNMLDIGGGFTG
TEIQLEEVNHVISPLLDIYFPEGSGIQIISEPGSYYVSSAFTLAVNIIAKKVVENDKFSSGVEKNGSDEPAFVYYMNDGV
YGSFASKLSEDLNTIPEVHKKYKEDEPLFTSSLWGPSCDELDQIVESCLLPELNVGDWLIFDNMGADSFHEPSAFNDFQR
PAIYFMMSFSDWYEMQDAGITSDAMMKNFFFAPSCIQLSQEDSFSTEA
;
_entity_poly.pdbx_strand_id   A,B
#
# COMPACT_ATOMS: atom_id res chain seq x y z
N ALA A 8 -15.38 -13.16 -15.67
CA ALA A 8 -14.23 -13.95 -15.05
C ALA A 8 -14.45 -15.47 -15.09
N ASN A 9 -13.55 -16.24 -15.71
CA ASN A 9 -13.63 -17.69 -15.72
C ASN A 9 -12.32 -18.12 -15.11
N TYR A 10 -12.38 -19.20 -14.34
CA TYR A 10 -11.16 -19.75 -13.68
C TYR A 10 -10.95 -21.07 -14.41
N SER A 11 -9.80 -21.23 -15.02
CA SER A 11 -9.58 -22.54 -15.60
C SER A 11 -8.67 -23.28 -14.60
N VAL A 12 -9.12 -24.48 -14.30
CA VAL A 12 -8.49 -25.25 -13.24
C VAL A 12 -7.91 -26.46 -13.96
N GLY A 13 -6.58 -26.60 -13.88
CA GLY A 13 -5.90 -27.83 -14.46
C GLY A 13 -6.08 -29.03 -13.51
N LEU A 14 -6.63 -30.13 -14.01
CA LEU A 14 -6.77 -31.37 -13.18
C LEU A 14 -5.51 -32.25 -13.29
N LEU A 15 -5.06 -32.75 -12.14
CA LEU A 15 -3.77 -33.47 -12.10
C LEU A 15 -3.98 -34.91 -11.69
N ASP A 16 -3.45 -35.87 -12.44
CA ASP A 16 -3.51 -37.28 -11.90
C ASP A 16 -2.11 -37.55 -11.50
N GLU A 17 -1.78 -38.81 -11.20
CA GLU A 17 -1.59 -39.20 -9.85
C GLU A 17 -0.07 -39.16 -10.17
N GLY A 18 0.20 -39.19 -11.48
CA GLY A 18 1.54 -39.05 -11.98
C GLY A 18 2.15 -37.67 -12.00
N THR A 19 1.34 -36.59 -11.92
CA THR A 19 1.88 -35.21 -11.85
C THR A 19 1.60 -34.37 -10.57
N ASN A 20 2.57 -33.59 -10.14
CA ASN A 20 2.50 -32.91 -8.84
C ASN A 20 2.81 -31.39 -9.01
N LEU A 21 2.75 -30.64 -7.91
CA LEU A 21 2.93 -29.21 -7.91
C LEU A 21 4.33 -28.78 -8.46
N GLY A 22 5.40 -29.51 -8.10
CA GLY A 22 6.71 -29.30 -8.74
C GLY A 22 6.69 -29.36 -10.27
N ASN A 23 5.86 -30.22 -10.87
CA ASN A 23 5.70 -30.25 -12.30
C ASN A 23 4.99 -29.01 -12.85
N VAL A 24 3.93 -28.56 -12.14
CA VAL A 24 3.17 -27.37 -12.56
C VAL A 24 4.06 -26.16 -12.52
N ILE A 25 4.79 -25.96 -11.45
CA ILE A 25 5.73 -24.86 -11.35
C ILE A 25 6.75 -24.88 -12.51
N ASP A 26 7.35 -26.07 -12.80
CA ASP A 26 8.38 -26.22 -13.87
C ASP A 26 7.77 -25.81 -15.15
N ASN A 27 6.57 -26.34 -15.47
CA ASN A 27 5.81 -25.88 -16.67
C ASN A 27 5.64 -24.35 -16.74
N TYR A 28 5.22 -23.69 -15.64
CA TYR A 28 4.93 -22.24 -15.79
C TYR A 28 6.25 -21.46 -15.82
N VAL A 29 7.28 -21.92 -15.09
CA VAL A 29 8.58 -21.24 -15.16
C VAL A 29 9.10 -21.36 -16.63
N TYR A 30 8.90 -22.52 -17.26
CA TYR A 30 9.22 -22.64 -18.71
C TYR A 30 8.44 -21.66 -19.58
N GLU A 31 7.11 -21.63 -19.47
CA GLU A 31 6.31 -20.66 -20.26
C GLU A 31 6.65 -19.20 -19.98
N HIS A 32 6.91 -18.84 -18.72
CA HIS A 32 7.18 -17.43 -18.38
C HIS A 32 8.62 -16.97 -18.86
N THR A 33 9.52 -17.91 -18.88
CA THR A 33 10.89 -17.75 -19.39
C THR A 33 11.07 -16.99 -20.72
N LEU A 34 10.16 -17.06 -21.66
CA LEU A 34 10.14 -17.75 -22.88
C LEU A 34 9.31 -16.51 -23.39
N THR A 35 8.63 -15.85 -22.43
CA THR A 35 7.60 -14.86 -22.62
C THR A 35 8.02 -13.71 -21.73
N GLY A 36 7.13 -12.85 -21.31
CA GLY A 36 7.55 -11.79 -20.37
C GLY A 36 8.35 -12.14 -19.12
N LYS A 37 8.04 -13.26 -18.43
CA LYS A 37 8.86 -13.75 -17.26
C LYS A 37 8.37 -13.16 -15.92
N ASN A 38 7.10 -12.81 -15.90
CA ASN A 38 6.44 -12.37 -14.70
C ASN A 38 6.50 -13.41 -13.50
N ALA A 39 6.49 -12.90 -12.26
CA ALA A 39 6.11 -13.65 -11.06
C ALA A 39 4.75 -14.40 -11.31
N PHE A 40 4.56 -15.57 -10.69
CA PHE A 40 3.25 -16.13 -10.76
C PHE A 40 2.96 -16.92 -9.51
N PHE A 41 1.68 -17.08 -9.22
CA PHE A 41 1.24 -17.99 -8.12
C PHE A 41 0.67 -19.25 -8.77
N VAL A 42 0.86 -20.37 -8.10
CA VAL A 42 0.00 -21.53 -8.33
C VAL A 42 -0.81 -21.86 -7.08
N GLY A 43 -2.11 -22.06 -7.28
CA GLY A 43 -3.08 -22.31 -6.25
C GLY A 43 -3.61 -23.67 -6.42
N ASP A 44 -3.41 -24.48 -5.37
CA ASP A 44 -4.05 -25.77 -5.27
C ASP A 44 -5.39 -25.64 -4.62
N LEU A 45 -6.45 -25.64 -5.44
CA LEU A 45 -7.80 -25.44 -4.91
C LEU A 45 -8.36 -26.60 -4.14
N GLY A 46 -7.88 -27.81 -4.45
CA GLY A 46 -8.23 -28.99 -3.63
C GLY A 46 -7.67 -28.97 -2.24
N LYS A 47 -6.54 -28.30 -2.01
CA LYS A 47 -6.05 -28.10 -0.61
C LYS A 47 -7.04 -27.26 0.17
N ILE A 48 -7.68 -26.27 -0.48
CA ILE A 48 -8.77 -25.54 0.28
C ILE A 48 -9.96 -26.37 0.59
N VAL A 49 -10.38 -27.18 -0.37
CA VAL A 49 -11.53 -28.08 -0.17
C VAL A 49 -11.17 -29.13 0.94
N LYS A 50 -9.95 -29.65 0.93
CA LYS A 50 -9.48 -30.52 2.05
C LYS A 50 -9.45 -29.88 3.43
N LYS A 51 -9.13 -28.56 3.45
CA LYS A 51 -9.19 -27.79 4.73
C LYS A 51 -10.57 -27.70 5.27
N HIS A 52 -11.55 -27.53 4.43
CA HIS A 52 -12.90 -27.51 4.85
C HIS A 52 -13.38 -28.88 5.29
N SER A 53 -13.07 -29.94 4.53
CA SER A 53 -13.55 -31.22 5.12
C SER A 53 -12.77 -31.68 6.37
N GLN A 54 -11.49 -31.31 6.49
CA GLN A 54 -10.85 -31.35 7.83
C GLN A 54 -11.60 -30.64 8.96
N TRP A 55 -12.03 -29.37 8.72
CA TRP A 55 -12.88 -28.60 9.69
C TRP A 55 -14.09 -29.38 10.06
N GLN A 56 -14.79 -29.86 9.05
CA GLN A 56 -16.07 -30.47 9.27
C GLN A 56 -15.87 -31.82 10.07
N THR A 57 -14.83 -32.59 9.79
CA THR A 57 -14.49 -33.85 10.60
C THR A 57 -14.18 -33.56 12.07
N VAL A 58 -13.34 -32.56 12.32
CA VAL A 58 -12.88 -32.30 13.68
C VAL A 58 -13.88 -31.50 14.48
N VAL A 59 -14.53 -30.47 13.86
CA VAL A 59 -15.53 -29.59 14.62
C VAL A 59 -16.80 -29.33 13.84
N ALA A 60 -17.56 -30.39 13.56
CA ALA A 60 -18.72 -30.32 12.71
C ALA A 60 -19.77 -29.34 13.18
N GLN A 61 -19.85 -29.06 14.47
CA GLN A 61 -20.84 -28.12 14.94
C GLN A 61 -20.41 -26.63 14.90
N ILE A 62 -19.16 -26.30 14.47
CA ILE A 62 -18.73 -24.88 14.50
C ILE A 62 -18.79 -24.44 13.04
N LYS A 63 -19.60 -23.43 12.77
CA LYS A 63 -19.73 -22.96 11.36
C LYS A 63 -18.61 -21.88 11.07
N PRO A 64 -17.72 -22.13 10.11
CA PRO A 64 -16.66 -21.10 9.85
C PRO A 64 -17.13 -19.94 8.95
N PHE A 65 -16.67 -18.75 9.28
CA PHE A 65 -16.93 -17.54 8.54
C PHE A 65 -15.52 -17.12 8.14
N TYR A 66 -15.25 -17.29 6.86
CA TYR A 66 -13.96 -17.03 6.26
C TYR A 66 -13.57 -15.56 6.43
N THR A 67 -12.35 -15.30 6.96
CA THR A 67 -11.82 -13.91 7.02
C THR A 67 -11.32 -13.44 5.61
N VAL A 68 -12.20 -12.75 4.92
CA VAL A 68 -12.00 -12.31 3.55
C VAL A 68 -10.68 -11.58 3.37
N LYS A 69 -10.30 -10.77 4.38
CA LYS A 69 -9.05 -9.98 4.29
C LYS A 69 -7.78 -10.86 4.11
N CYS A 70 -7.82 -12.10 4.58
CA CYS A 70 -6.68 -13.02 4.34
C CYS A 70 -6.33 -13.22 2.84
N ASN A 71 -7.35 -13.37 2.00
CA ASN A 71 -7.19 -13.63 0.57
C ASN A 71 -8.61 -13.41 -0.03
N SER A 72 -8.75 -12.31 -0.75
CA SER A 72 -10.15 -12.00 -1.26
C SER A 72 -10.26 -12.27 -2.78
N THR A 73 -9.32 -13.02 -3.31
CA THR A 73 -9.38 -13.46 -4.72
C THR A 73 -10.76 -14.21 -4.98
N PRO A 74 -11.52 -13.80 -6.00
CA PRO A 74 -12.91 -14.35 -6.09
C PRO A 74 -13.01 -15.81 -6.30
N ALA A 75 -12.03 -16.48 -6.94
CA ALA A 75 -12.12 -17.98 -7.00
C ALA A 75 -12.10 -18.62 -5.58
N VAL A 76 -11.28 -18.05 -4.71
CA VAL A 76 -11.29 -18.56 -3.32
C VAL A 76 -12.62 -18.32 -2.64
N LEU A 77 -13.14 -17.11 -2.77
CA LEU A 77 -14.37 -16.80 -2.03
C LEU A 77 -15.52 -17.69 -2.58
N GLU A 78 -15.54 -17.93 -3.93
CA GLU A 78 -16.65 -18.74 -4.51
C GLU A 78 -16.56 -20.20 -4.12
N ILE A 79 -15.36 -20.78 -4.12
CA ILE A 79 -15.24 -22.10 -3.59
C ILE A 79 -15.68 -22.21 -2.16
N LEU A 80 -15.25 -21.29 -1.29
CA LEU A 80 -15.71 -21.38 0.16
C LEU A 80 -17.16 -21.13 0.29
N ALA A 81 -17.73 -20.21 -0.50
CA ALA A 81 -19.22 -20.06 -0.48
C ALA A 81 -19.93 -21.41 -0.87
N ALA A 82 -19.45 -22.05 -1.96
CA ALA A 82 -20.09 -23.28 -2.49
C ALA A 82 -19.90 -24.43 -1.42
N LEU A 83 -18.78 -24.42 -0.65
CA LEU A 83 -18.57 -25.40 0.44
C LEU A 83 -19.42 -25.09 1.64
N GLY A 84 -20.01 -23.88 1.71
CA GLY A 84 -20.96 -23.62 2.77
C GLY A 84 -20.41 -22.64 3.86
N THR A 85 -19.23 -22.06 3.71
CA THR A 85 -18.81 -21.03 4.78
C THR A 85 -19.66 -19.77 4.81
N GLY A 86 -19.70 -19.09 5.96
CA GLY A 86 -20.02 -17.73 6.02
C GLY A 86 -18.78 -16.87 5.68
N PHE A 87 -18.87 -15.54 5.92
CA PHE A 87 -17.73 -14.63 5.58
C PHE A 87 -17.63 -13.58 6.68
N ALA A 88 -16.42 -13.38 7.18
CA ALA A 88 -16.25 -12.23 8.16
C ALA A 88 -15.51 -11.10 7.40
N CYS A 89 -16.12 -9.89 7.38
CA CYS A 89 -15.71 -8.76 6.50
C CYS A 89 -15.33 -7.63 7.44
N SER A 90 -14.34 -6.89 7.11
CA SER A 90 -13.91 -5.80 7.97
C SER A 90 -13.89 -4.49 7.27
N SER A 91 -14.55 -4.43 6.09
CA SER A 91 -14.78 -3.13 5.48
C SER A 91 -16.03 -3.16 4.63
N LYS A 92 -16.45 -2.00 4.13
CA LYS A 92 -17.61 -2.03 3.23
C LYS A 92 -17.27 -2.74 1.97
N ASN A 93 -16.07 -2.54 1.45
CA ASN A 93 -15.78 -3.12 0.16
C ASN A 93 -15.62 -4.68 0.26
N GLU A 94 -15.16 -5.23 1.40
CA GLU A 94 -15.28 -6.69 1.65
C GLU A 94 -16.67 -7.17 1.70
N MET A 95 -17.56 -6.46 2.41
CA MET A 95 -18.97 -6.87 2.43
C MET A 95 -19.59 -6.81 1.05
N ALA A 96 -19.24 -5.76 0.27
CA ALA A 96 -19.85 -5.53 -1.08
C ALA A 96 -19.36 -6.67 -2.03
N LEU A 97 -18.11 -7.07 -1.89
CA LEU A 97 -17.52 -8.13 -2.80
C LEU A 97 -18.21 -9.47 -2.52
N VAL A 98 -18.44 -9.81 -1.24
CA VAL A 98 -19.08 -11.06 -0.87
C VAL A 98 -20.56 -11.07 -1.38
N GLN A 99 -21.30 -9.97 -1.20
CA GLN A 99 -22.76 -9.81 -1.70
C GLN A 99 -22.85 -9.88 -3.24
N GLU A 100 -21.84 -9.36 -3.90
CA GLU A 100 -21.76 -9.36 -5.38
C GLU A 100 -21.65 -10.78 -5.93
N LEU A 101 -20.96 -11.69 -5.18
CA LEU A 101 -20.86 -13.09 -5.59
C LEU A 101 -22.06 -13.92 -5.31
N GLY A 102 -22.99 -13.36 -4.57
CA GLY A 102 -24.25 -13.94 -4.26
C GLY A 102 -24.45 -14.41 -2.88
N VAL A 103 -23.49 -14.13 -1.98
CA VAL A 103 -23.67 -14.56 -0.58
C VAL A 103 -24.79 -13.77 0.07
N SER A 104 -25.69 -14.44 0.80
CA SER A 104 -26.67 -13.65 1.48
C SER A 104 -26.19 -12.98 2.76
N PRO A 105 -26.79 -11.84 3.09
CA PRO A 105 -26.30 -11.01 4.20
C PRO A 105 -26.32 -11.74 5.52
N GLU A 106 -27.19 -12.74 5.70
CA GLU A 106 -27.23 -13.46 6.92
C GLU A 106 -25.97 -14.35 7.07
N ASN A 107 -25.14 -14.55 6.01
CA ASN A 107 -23.94 -15.30 6.20
C ASN A 107 -22.70 -14.41 6.27
N ILE A 108 -22.88 -13.19 6.68
CA ILE A 108 -21.83 -12.22 6.65
C ILE A 108 -21.80 -11.61 8.09
N ILE A 109 -20.62 -11.62 8.71
CA ILE A 109 -20.46 -10.76 9.88
C ILE A 109 -19.43 -9.63 9.73
N PHE A 110 -19.75 -8.47 10.31
CA PHE A 110 -18.98 -7.22 10.10
C PHE A 110 -18.12 -7.08 11.39
N THR A 111 -16.81 -7.28 11.24
CA THR A 111 -16.01 -7.49 12.38
C THR A 111 -14.96 -6.40 12.57
N SER A 112 -15.11 -5.28 11.92
CA SER A 112 -14.03 -4.24 12.02
C SER A 112 -13.93 -3.65 13.48
N PRO A 113 -12.70 -3.58 14.06
CA PRO A 113 -12.65 -3.03 15.45
C PRO A 113 -12.89 -1.56 15.53
N CYS A 114 -12.90 -0.82 14.44
CA CYS A 114 -13.17 0.64 14.56
C CYS A 114 -14.18 0.96 13.46
N LYS A 115 -15.46 0.79 13.69
CA LYS A 115 -16.48 0.93 12.61
C LYS A 115 -16.78 2.39 12.37
N GLN A 116 -16.82 2.82 11.10
CA GLN A 116 -17.12 4.14 10.74
C GLN A 116 -18.59 4.22 10.51
N VAL A 117 -19.16 5.37 10.85
CA VAL A 117 -20.58 5.58 10.60
C VAL A 117 -21.05 5.18 9.17
N SER A 118 -20.29 5.52 8.11
CA SER A 118 -20.81 5.18 6.77
C SER A 118 -20.68 3.70 6.51
N GLN A 119 -19.75 2.95 7.14
CA GLN A 119 -19.75 1.48 7.01
C GLN A 119 -20.99 0.93 7.70
N ILE A 120 -21.37 1.50 8.86
CA ILE A 120 -22.57 0.98 9.61
C ILE A 120 -23.83 1.24 8.83
N LYS A 121 -23.87 2.40 8.25
CA LYS A 121 -25.10 2.73 7.54
C LYS A 121 -25.11 1.94 6.18
N TYR A 122 -23.97 1.73 5.57
CA TYR A 122 -23.89 0.73 4.44
C TYR A 122 -24.39 -0.60 4.84
N ALA A 123 -23.89 -1.20 5.96
CA ALA A 123 -24.46 -2.45 6.49
C ALA A 123 -25.98 -2.53 6.71
N ALA A 124 -26.54 -1.50 7.29
CA ALA A 124 -28.01 -1.42 7.44
C ALA A 124 -28.68 -1.39 6.04
N LYS A 125 -28.13 -0.61 5.11
CA LYS A 125 -28.69 -0.39 3.76
C LYS A 125 -28.75 -1.73 2.98
N VAL A 126 -27.72 -2.58 3.10
CA VAL A 126 -27.63 -3.92 2.37
C VAL A 126 -28.13 -5.12 3.19
N GLY A 127 -28.62 -4.86 4.43
CA GLY A 127 -29.14 -5.88 5.28
C GLY A 127 -28.13 -6.73 6.06
N VAL A 128 -26.86 -6.30 6.22
CA VAL A 128 -25.93 -7.12 7.03
C VAL A 128 -26.17 -6.69 8.49
N ASN A 129 -26.75 -7.56 9.27
CA ASN A 129 -27.09 -7.21 10.64
C ASN A 129 -26.08 -7.64 11.74
N ILE A 130 -25.31 -8.68 11.48
CA ILE A 130 -24.49 -9.26 12.53
C ILE A 130 -23.17 -8.56 12.62
N MET A 131 -22.86 -8.03 13.81
CA MET A 131 -21.57 -7.35 13.92
C MET A 131 -20.96 -7.45 15.35
N THR A 132 -19.65 -7.28 15.48
CA THR A 132 -19.03 -7.34 16.76
C THR A 132 -18.94 -5.93 17.37
N CYS A 133 -18.75 -5.84 18.71
CA CYS A 133 -18.52 -4.49 19.28
C CYS A 133 -17.74 -4.64 20.64
N ASP A 134 -16.79 -3.79 20.91
CA ASP A 134 -16.07 -3.92 22.16
C ASP A 134 -16.08 -2.65 22.98
N ASN A 135 -16.93 -1.69 22.64
CA ASN A 135 -16.75 -0.39 23.30
C ASN A 135 -18.00 0.44 23.14
N GLU A 136 -18.18 1.33 24.10
CA GLU A 136 -19.41 2.10 24.17
C GLU A 136 -19.66 3.13 23.01
N ILE A 137 -18.61 3.75 22.58
CA ILE A 137 -18.69 4.71 21.49
C ILE A 137 -19.09 3.98 20.16
N GLU A 138 -18.48 2.85 19.88
CA GLU A 138 -18.96 2.03 18.72
C GLU A 138 -20.40 1.55 18.91
N LEU A 139 -20.73 1.11 20.15
CA LEU A 139 -22.10 0.85 20.45
C LEU A 139 -23.11 1.93 20.11
N LYS A 140 -22.83 3.19 20.44
CA LYS A 140 -23.74 4.29 20.11
C LYS A 140 -23.81 4.58 18.62
N LYS A 141 -22.66 4.47 17.92
CA LYS A 141 -22.67 4.51 16.40
C LYS A 141 -23.61 3.46 15.79
N ILE A 142 -23.64 2.26 16.35
CA ILE A 142 -24.46 1.19 15.83
C ILE A 142 -25.89 1.51 16.12
N ALA A 143 -26.16 1.89 17.39
CA ALA A 143 -27.56 2.24 17.74
C ALA A 143 -28.21 3.33 16.93
N ARG A 144 -27.48 4.39 16.68
CA ARG A 144 -27.92 5.54 15.91
C ARG A 144 -28.16 5.22 14.44
N ASN A 145 -27.35 4.32 13.89
CA ASN A 145 -27.29 4.14 12.43
C ASN A 145 -27.77 2.80 11.88
N HIS A 146 -27.98 1.86 12.78
CA HIS A 146 -28.41 0.54 12.39
C HIS A 146 -29.46 -0.02 13.28
N PRO A 147 -30.73 0.30 12.96
CA PRO A 147 -31.74 -0.26 13.89
C PRO A 147 -31.97 -1.74 13.93
N ASN A 148 -31.45 -2.55 13.00
CA ASN A 148 -31.70 -3.99 13.09
C ASN A 148 -30.41 -4.78 13.47
N ALA A 149 -29.40 -4.09 13.99
CA ALA A 149 -28.11 -4.70 14.30
C ALA A 149 -28.26 -5.80 15.35
N LYS A 150 -27.52 -6.88 15.17
CA LYS A 150 -27.44 -7.99 16.11
C LYS A 150 -26.04 -8.05 16.52
N VAL A 151 -25.79 -7.73 17.79
CA VAL A 151 -24.38 -7.47 18.13
C VAL A 151 -23.76 -8.61 18.98
N LEU A 152 -22.52 -9.00 18.65
CA LEU A 152 -21.72 -9.90 19.43
C LEU A 152 -20.73 -9.02 20.25
N LEU A 153 -20.76 -9.16 21.58
CA LEU A 153 -19.79 -8.47 22.41
C LEU A 153 -18.44 -9.12 22.32
N HIS A 154 -17.43 -8.32 22.04
CA HIS A 154 -16.13 -8.86 21.76
C HIS A 154 -15.30 -8.79 23.10
N ILE A 155 -14.97 -9.96 23.75
CA ILE A 155 -14.22 -9.97 25.03
C ILE A 155 -12.75 -10.19 24.77
N ALA A 156 -11.85 -9.52 25.48
CA ALA A 156 -10.44 -9.75 25.25
C ALA A 156 -9.98 -11.04 25.92
N THR A 157 -8.82 -11.48 25.50
CA THR A 157 -8.31 -12.78 25.76
C THR A 157 -6.82 -12.48 26.21
N GLU A 158 -6.29 -13.16 27.22
CA GLU A 158 -4.81 -12.91 27.55
C GLU A 158 -3.96 -14.03 26.95
N ASP A 159 -3.37 -13.80 25.78
CA ASP A 159 -2.54 -14.83 25.06
C ASP A 159 -0.97 -14.61 25.00
N MET A 168 -1.43 -6.23 17.70
CA MET A 168 -2.65 -5.60 18.21
C MET A 168 -3.57 -6.49 19.09
N LYS A 169 -4.35 -5.93 20.00
CA LYS A 169 -5.36 -6.74 20.71
C LYS A 169 -6.66 -6.01 20.98
N PHE A 170 -7.74 -6.72 20.74
CA PHE A 170 -9.07 -6.14 20.78
C PHE A 170 -9.92 -6.82 21.81
N GLY A 171 -11.03 -6.22 22.13
CA GLY A 171 -11.95 -6.89 22.92
C GLY A 171 -12.01 -6.18 24.28
N THR A 172 -13.07 -6.42 24.99
CA THR A 172 -13.23 -5.64 26.19
C THR A 172 -13.08 -6.54 27.39
N THR A 173 -12.94 -5.90 28.58
CA THR A 173 -12.93 -6.66 29.81
C THR A 173 -14.32 -7.10 30.21
N LEU A 174 -14.33 -8.14 31.06
CA LEU A 174 -15.59 -8.64 31.58
C LEU A 174 -16.45 -7.62 32.35
N LYS A 175 -15.78 -6.76 33.13
CA LYS A 175 -16.34 -5.67 33.89
C LYS A 175 -17.01 -4.65 32.96
N ASN A 176 -16.29 -4.23 31.93
CA ASN A 176 -16.87 -3.40 30.94
C ASN A 176 -18.06 -4.03 30.17
N CYS A 177 -18.21 -5.36 30.10
CA CYS A 177 -19.36 -6.03 29.37
C CYS A 177 -20.62 -5.82 30.14
N ARG A 178 -20.56 -5.91 31.46
CA ARG A 178 -21.77 -5.52 32.26
C ARG A 178 -22.28 -4.09 31.90
N HIS A 179 -21.37 -3.11 31.91
CA HIS A 179 -21.72 -1.79 31.47
C HIS A 179 -22.24 -1.68 30.00
N LEU A 180 -21.51 -2.28 29.05
CA LEU A 180 -22.01 -2.34 27.63
C LEU A 180 -23.39 -2.91 27.49
N LEU A 181 -23.68 -4.03 28.17
CA LEU A 181 -25.10 -4.56 28.27
C LEU A 181 -26.14 -3.55 28.81
N GLU A 182 -25.80 -2.83 29.88
CA GLU A 182 -26.72 -1.78 30.32
C GLU A 182 -26.99 -0.68 29.28
N CYS A 183 -25.89 -0.17 28.68
CA CYS A 183 -25.97 0.80 27.57
C CYS A 183 -26.78 0.27 26.45
N ALA A 184 -26.54 -0.98 26.02
CA ALA A 184 -27.36 -1.55 24.94
C ALA A 184 -28.84 -1.64 25.25
N LYS A 185 -29.15 -2.11 26.44
CA LYS A 185 -30.59 -2.05 26.83
C LYS A 185 -31.26 -0.63 26.67
N GLU A 186 -30.60 0.39 27.23
CA GLU A 186 -30.97 1.81 27.11
C GLU A 186 -31.02 2.29 25.62
N LEU A 187 -30.00 1.95 24.80
CA LEU A 187 -30.01 2.31 23.36
C LEU A 187 -30.86 1.44 22.51
N ASP A 188 -31.42 0.38 23.08
CA ASP A 188 -32.24 -0.55 22.30
C ASP A 188 -31.47 -1.37 21.18
N VAL A 189 -30.23 -1.74 21.50
CA VAL A 189 -29.42 -2.65 20.62
C VAL A 189 -29.69 -4.11 21.02
N GLN A 190 -29.92 -4.97 20.05
CA GLN A 190 -29.93 -6.40 20.36
C GLN A 190 -28.54 -6.97 20.48
N ILE A 191 -28.16 -7.42 21.69
CA ILE A 191 -26.93 -8.15 21.89
C ILE A 191 -27.40 -9.57 21.69
N ILE A 192 -26.70 -10.37 20.87
CA ILE A 192 -27.13 -11.78 20.62
C ILE A 192 -25.98 -12.75 20.99
N GLY A 193 -24.84 -12.29 21.46
CA GLY A 193 -23.70 -13.24 21.61
C GLY A 193 -22.43 -12.60 22.02
N VAL A 194 -21.37 -13.36 21.92
CA VAL A 194 -20.07 -13.02 22.40
C VAL A 194 -19.12 -13.47 21.30
N LYS A 195 -18.02 -12.74 21.22
CA LYS A 195 -16.89 -13.12 20.39
C LYS A 195 -15.64 -13.07 21.15
N PHE A 196 -14.73 -13.99 20.90
CA PHE A 196 -13.37 -13.83 21.37
C PHE A 196 -12.42 -14.38 20.30
N HIS A 197 -11.14 -14.12 20.42
CA HIS A 197 -10.20 -14.65 19.55
C HIS A 197 -8.90 -15.02 20.27
N VAL A 198 -8.28 -16.18 19.94
CA VAL A 198 -6.95 -16.51 20.46
C VAL A 198 -5.93 -16.62 19.33
N SER A 199 -4.79 -15.96 19.43
CA SER A 199 -3.74 -16.19 18.41
C SER A 199 -3.44 -17.68 18.06
N SER A 200 -3.30 -18.04 16.77
CA SER A 200 -2.59 -19.33 16.36
C SER A 200 -1.33 -19.56 17.28
N ALA A 201 -0.34 -18.66 17.08
CA ALA A 201 0.95 -18.65 17.77
C ALA A 201 0.85 -18.82 19.28
N CYS A 202 -0.35 -18.83 19.82
CA CYS A 202 -0.46 -19.12 21.23
C CYS A 202 -0.62 -20.62 21.46
N LYS A 203 0.54 -21.32 21.57
CA LYS A 203 0.50 -22.78 21.89
C LYS A 203 0.22 -23.03 23.39
N GLU A 204 -0.33 -22.04 24.11
CA GLU A 204 -0.71 -22.20 25.53
C GLU A 204 -2.20 -22.41 25.72
N TYR A 205 -2.71 -23.49 25.11
CA TYR A 205 -4.17 -23.69 24.87
C TYR A 205 -5.12 -23.46 26.05
N GLN A 206 -4.61 -23.45 27.30
CA GLN A 206 -5.50 -23.10 28.43
C GLN A 206 -6.19 -21.74 28.35
N VAL A 207 -5.64 -20.76 27.60
CA VAL A 207 -6.26 -19.41 27.42
C VAL A 207 -7.74 -19.61 26.96
N TYR A 208 -7.99 -20.65 26.15
CA TYR A 208 -9.38 -20.98 25.72
C TYR A 208 -10.32 -21.31 26.88
N VAL A 209 -9.80 -21.85 28.00
CA VAL A 209 -10.65 -22.04 29.21
C VAL A 209 -11.15 -20.80 29.85
N HIS A 210 -10.26 -19.85 30.08
CA HIS A 210 -10.69 -18.59 30.65
C HIS A 210 -11.61 -17.86 29.70
N ALA A 211 -11.30 -17.90 28.38
CA ALA A 211 -12.22 -17.26 27.32
C ALA A 211 -13.62 -17.84 27.40
N LEU A 212 -13.76 -19.16 27.45
CA LEU A 212 -15.10 -19.73 27.46
C LEU A 212 -15.84 -19.48 28.72
N SER A 213 -15.07 -19.53 29.83
CA SER A 213 -15.68 -19.15 31.12
C SER A 213 -16.15 -17.67 31.14
N ASP A 214 -15.30 -16.73 30.66
CA ASP A 214 -15.71 -15.34 30.51
C ASP A 214 -16.92 -15.25 29.61
N ALA A 215 -16.94 -16.02 28.49
CA ALA A 215 -18.16 -15.94 27.64
C ALA A 215 -19.43 -16.40 28.31
N ARG A 216 -19.34 -17.46 29.12
CA ARG A 216 -20.59 -17.97 29.78
C ARG A 216 -21.05 -16.95 30.81
N CYS A 217 -20.11 -16.32 31.47
CA CYS A 217 -20.42 -15.24 32.39
C CYS A 217 -21.19 -14.14 31.67
N VAL A 218 -20.79 -13.75 30.42
CA VAL A 218 -21.56 -12.72 29.69
C VAL A 218 -22.89 -13.29 29.27
N PHE A 219 -22.98 -14.57 28.85
CA PHE A 219 -24.26 -15.05 28.42
C PHE A 219 -25.17 -15.06 29.70
N ASP A 220 -24.60 -15.46 30.86
CA ASP A 220 -25.37 -15.27 32.19
C ASP A 220 -25.89 -13.81 32.48
N MET A 221 -25.01 -12.80 32.48
CA MET A 221 -25.46 -11.44 32.78
C MET A 221 -26.48 -10.95 31.77
N ALA A 222 -26.29 -11.27 30.49
CA ALA A 222 -27.18 -10.77 29.43
C ALA A 222 -28.58 -11.35 29.48
N GLY A 223 -28.67 -12.62 29.87
CA GLY A 223 -29.97 -13.23 30.16
C GLY A 223 -30.66 -12.51 31.32
N GLU A 224 -29.95 -12.13 32.38
CA GLU A 224 -30.55 -11.25 33.45
C GLU A 224 -31.11 -9.91 32.89
N PHE A 225 -30.41 -9.28 31.91
CA PHE A 225 -30.93 -8.06 31.30
C PHE A 225 -32.08 -8.28 30.37
N GLY A 226 -32.46 -9.51 30.08
CA GLY A 226 -33.53 -9.76 29.05
C GLY A 226 -33.09 -9.99 27.58
N PHE A 227 -31.78 -10.11 27.35
CA PHE A 227 -31.31 -10.46 25.95
C PHE A 227 -31.47 -11.92 25.67
N THR A 228 -31.72 -12.24 24.42
CA THR A 228 -31.71 -13.61 23.90
C THR A 228 -30.36 -13.93 23.17
N MET A 229 -29.49 -14.65 23.85
CA MET A 229 -28.10 -14.89 23.40
C MET A 229 -28.06 -16.18 22.66
N ASN A 230 -27.72 -16.10 21.39
CA ASN A 230 -27.64 -17.34 20.60
C ASN A 230 -26.45 -17.56 19.67
N MET A 231 -25.38 -16.83 19.83
CA MET A 231 -24.22 -17.08 18.98
C MET A 231 -22.99 -16.92 19.76
N LEU A 232 -22.07 -17.87 19.63
CA LEU A 232 -20.74 -17.74 20.21
C LEU A 232 -19.67 -17.81 19.10
N ASP A 233 -18.81 -16.83 19.02
CA ASP A 233 -17.71 -16.87 18.01
C ASP A 233 -16.42 -17.04 18.79
N ILE A 234 -15.69 -18.08 18.45
CA ILE A 234 -14.44 -18.47 19.09
C ILE A 234 -13.21 -17.96 18.31
N GLY A 235 -13.43 -17.08 17.28
CA GLY A 235 -12.27 -16.44 16.69
C GLY A 235 -11.58 -17.21 15.58
N GLY A 236 -10.37 -16.81 15.25
CA GLY A 236 -9.69 -17.28 14.04
C GLY A 236 -8.38 -17.93 14.29
N GLY A 237 -8.10 -18.38 15.55
CA GLY A 237 -6.71 -18.88 15.91
C GLY A 237 -6.38 -20.27 15.40
N PHE A 238 -6.44 -20.49 14.09
CA PHE A 238 -6.34 -21.83 13.43
C PHE A 238 -5.27 -21.68 12.36
N THR A 239 -4.26 -22.57 12.36
CA THR A 239 -3.13 -22.41 11.41
C THR A 239 -3.39 -23.12 10.07
N GLY A 240 -4.20 -24.17 10.14
CA GLY A 240 -4.41 -25.02 8.97
C GLY A 240 -4.13 -26.47 9.26
N THR A 241 -3.20 -26.74 10.17
CA THR A 241 -2.74 -28.16 10.34
C THR A 241 -3.80 -28.93 11.12
N GLU A 242 -3.89 -30.23 10.81
CA GLU A 242 -4.82 -31.07 11.56
C GLU A 242 -4.47 -31.10 13.04
N ILE A 243 -3.17 -31.20 13.35
CA ILE A 243 -2.75 -31.26 14.75
C ILE A 243 -3.08 -30.01 15.47
N GLN A 244 -2.85 -28.81 14.86
CA GLN A 244 -3.19 -27.56 15.62
C GLN A 244 -4.73 -27.47 15.83
N LEU A 245 -5.51 -27.79 14.79
CA LEU A 245 -6.94 -27.76 15.01
C LEU A 245 -7.36 -28.80 16.11
N GLU A 246 -6.83 -30.01 16.02
CA GLU A 246 -7.15 -31.05 17.08
C GLU A 246 -6.68 -30.59 18.52
N GLU A 247 -5.61 -29.82 18.66
CA GLU A 247 -5.22 -29.27 20.00
C GLU A 247 -6.22 -28.31 20.56
N VAL A 248 -6.75 -27.42 19.69
CA VAL A 248 -7.70 -26.47 20.16
C VAL A 248 -8.99 -27.23 20.49
N ASN A 249 -9.38 -28.19 19.66
CA ASN A 249 -10.61 -28.91 19.90
C ASN A 249 -10.58 -29.71 21.26
N HIS A 250 -9.40 -30.19 21.59
CA HIS A 250 -9.19 -31.04 22.79
C HIS A 250 -9.52 -30.18 24.01
N VAL A 251 -9.05 -28.92 24.01
CA VAL A 251 -9.36 -27.94 25.08
C VAL A 251 -10.78 -27.40 25.06
N ILE A 252 -11.32 -27.03 23.85
CA ILE A 252 -12.65 -26.32 23.95
C ILE A 252 -13.86 -27.31 23.92
N SER A 253 -13.66 -28.52 23.37
CA SER A 253 -14.72 -29.44 23.19
C SER A 253 -15.53 -29.82 24.46
N PRO A 254 -14.85 -30.20 25.57
CA PRO A 254 -15.61 -30.47 26.81
C PRO A 254 -16.27 -29.27 27.38
N LEU A 255 -15.62 -28.09 27.29
CA LEU A 255 -16.25 -26.86 27.78
C LEU A 255 -17.44 -26.36 26.94
N LEU A 256 -17.46 -26.68 25.63
CA LEU A 256 -18.64 -26.35 24.81
C LEU A 256 -19.77 -27.30 25.15
N ASP A 257 -19.43 -28.62 25.20
CA ASP A 257 -20.33 -29.74 25.55
C ASP A 257 -21.18 -29.44 26.74
N ILE A 258 -20.63 -28.63 27.66
CA ILE A 258 -21.10 -28.27 28.97
C ILE A 258 -21.73 -26.87 29.15
N TYR A 259 -21.03 -25.76 28.73
CA TYR A 259 -21.47 -24.40 28.85
C TYR A 259 -22.38 -24.08 27.65
N PHE A 260 -22.19 -24.74 26.50
CA PHE A 260 -22.91 -24.34 25.21
C PHE A 260 -23.44 -25.61 24.42
N PRO A 261 -24.14 -26.53 25.16
CA PRO A 261 -24.52 -27.82 24.60
C PRO A 261 -25.38 -27.77 23.32
N GLU A 262 -25.25 -28.80 22.52
CA GLU A 262 -26.30 -29.26 21.63
C GLU A 262 -27.69 -29.01 22.26
N GLY A 263 -28.59 -28.32 21.53
CA GLY A 263 -29.96 -28.10 22.05
C GLY A 263 -30.17 -26.84 22.90
N SER A 264 -29.08 -26.12 23.17
CA SER A 264 -29.24 -24.81 23.79
C SER A 264 -29.70 -23.85 22.74
N GLY A 265 -29.56 -24.17 21.46
CA GLY A 265 -29.95 -23.21 20.41
C GLY A 265 -28.89 -22.11 20.23
N ILE A 266 -27.73 -22.30 20.82
CA ILE A 266 -26.61 -21.42 20.68
C ILE A 266 -25.73 -21.89 19.53
N GLN A 267 -25.62 -21.05 18.49
CA GLN A 267 -24.84 -21.45 17.32
C GLN A 267 -23.36 -21.08 17.58
N ILE A 268 -22.45 -22.00 17.33
CA ILE A 268 -21.02 -21.73 17.56
C ILE A 268 -20.40 -21.45 16.17
N ILE A 269 -19.63 -20.36 16.04
CA ILE A 269 -19.04 -20.01 14.73
C ILE A 269 -17.61 -19.74 15.00
N SER A 270 -16.78 -19.74 13.93
CA SER A 270 -15.40 -19.34 14.03
C SER A 270 -15.07 -18.40 12.80
N GLU A 271 -13.86 -17.83 12.82
CA GLU A 271 -13.43 -16.93 11.75
C GLU A 271 -12.10 -17.41 11.16
N PRO A 272 -11.97 -18.65 10.61
CA PRO A 272 -10.64 -19.08 10.11
C PRO A 272 -10.25 -18.23 8.85
N GLY A 273 -8.98 -17.93 8.66
CA GLY A 273 -8.69 -17.29 7.42
C GLY A 273 -7.51 -18.01 6.75
N SER A 274 -6.34 -17.64 7.23
CA SER A 274 -5.05 -18.35 6.91
C SER A 274 -5.15 -19.91 6.90
N TYR A 275 -5.95 -20.44 7.83
CA TYR A 275 -6.36 -21.88 7.94
C TYR A 275 -6.66 -22.40 6.58
N TYR A 276 -7.50 -21.68 5.83
CA TYR A 276 -7.90 -22.20 4.49
C TYR A 276 -6.88 -22.04 3.37
N VAL A 277 -6.12 -20.97 3.31
CA VAL A 277 -5.40 -20.58 2.06
C VAL A 277 -3.91 -20.52 2.14
N SER A 278 -3.40 -20.35 3.36
CA SER A 278 -1.98 -20.06 3.46
C SER A 278 -1.11 -21.11 2.64
N SER A 279 -1.30 -22.39 2.88
CA SER A 279 -0.41 -23.45 2.30
C SER A 279 -0.94 -23.83 0.88
N ALA A 280 -2.12 -23.32 0.48
CA ALA A 280 -2.65 -23.65 -0.86
C ALA A 280 -1.97 -22.92 -2.03
N PHE A 281 -1.20 -21.85 -1.78
CA PHE A 281 -0.62 -21.08 -2.89
C PHE A 281 0.89 -21.10 -2.79
N THR A 282 1.54 -21.16 -3.95
CA THR A 282 3.06 -21.08 -3.96
C THR A 282 3.40 -19.95 -4.94
N LEU A 283 4.41 -19.16 -4.65
CA LEU A 283 4.76 -18.06 -5.46
C LEU A 283 6.17 -18.33 -6.12
N ALA A 284 6.29 -18.00 -7.40
CA ALA A 284 7.59 -18.05 -8.14
C ALA A 284 7.93 -16.65 -8.63
N VAL A 285 9.14 -16.16 -8.29
CA VAL A 285 9.55 -14.87 -8.67
C VAL A 285 10.91 -14.97 -9.36
N ASN A 286 11.27 -14.02 -10.19
CA ASN A 286 12.62 -14.03 -10.75
C ASN A 286 13.47 -12.87 -10.28
N ILE A 287 14.78 -13.11 -10.33
CA ILE A 287 15.83 -12.13 -9.97
C ILE A 287 16.00 -11.17 -11.11
N ILE A 288 15.85 -9.89 -10.81
CA ILE A 288 16.03 -8.87 -11.85
C ILE A 288 17.34 -8.06 -11.72
N ALA A 289 17.95 -8.03 -10.54
CA ALA A 289 19.26 -7.36 -10.37
C ALA A 289 20.02 -8.05 -9.28
N LYS A 290 21.32 -7.75 -9.20
CA LYS A 290 22.30 -8.53 -8.39
C LYS A 290 23.43 -7.61 -7.99
N LYS A 291 23.81 -7.56 -6.73
CA LYS A 291 24.79 -6.59 -6.27
C LYS A 291 25.71 -7.37 -5.33
N VAL A 292 27.02 -7.34 -5.62
CA VAL A 292 28.02 -8.02 -4.74
C VAL A 292 28.45 -7.02 -3.67
N VAL A 293 28.35 -7.34 -2.37
CA VAL A 293 28.75 -6.34 -1.31
C VAL A 293 30.25 -6.48 -1.02
N ALA A 311 29.43 -11.72 -0.08
CA ALA A 311 27.96 -11.59 0.18
C ALA A 311 27.18 -11.00 -1.01
N PHE A 312 25.94 -11.49 -1.28
CA PHE A 312 25.16 -11.01 -2.46
C PHE A 312 23.83 -10.40 -2.07
N VAL A 313 23.43 -9.33 -2.76
CA VAL A 313 22.10 -8.77 -2.63
C VAL A 313 21.41 -9.04 -3.98
N TYR A 314 20.23 -9.68 -3.88
CA TYR A 314 19.39 -9.96 -5.06
C TYR A 314 18.04 -9.19 -4.99
N TYR A 315 17.67 -8.59 -6.12
CA TYR A 315 16.45 -7.85 -6.33
C TYR A 315 15.53 -8.70 -7.18
N MET A 316 14.30 -8.86 -6.65
CA MET A 316 13.33 -9.72 -7.32
CA MET A 316 13.22 -9.70 -7.12
C MET A 316 12.21 -8.87 -7.86
N ASN A 317 11.40 -9.51 -8.69
CA ASN A 317 10.36 -8.84 -9.37
C ASN A 317 9.05 -8.77 -8.55
N ASP A 318 9.13 -9.12 -7.27
CA ASP A 318 7.95 -8.92 -6.38
C ASP A 318 8.50 -8.57 -5.03
N GLY A 319 7.72 -7.85 -4.21
CA GLY A 319 8.24 -7.30 -3.01
C GLY A 319 7.15 -6.89 -2.05
N VAL A 320 7.54 -6.04 -1.12
CA VAL A 320 6.65 -5.60 -0.07
C VAL A 320 5.44 -4.78 -0.56
N TYR A 321 5.53 -4.20 -1.77
CA TYR A 321 4.41 -3.44 -2.37
C TYR A 321 3.57 -4.35 -3.28
N GLY A 322 3.85 -5.68 -3.20
CA GLY A 322 3.01 -6.73 -3.89
C GLY A 322 2.74 -7.84 -2.92
N SER A 323 3.23 -9.02 -3.23
CA SER A 323 2.91 -10.23 -2.51
C SER A 323 3.60 -10.34 -1.12
N PHE A 324 4.62 -9.54 -0.79
CA PHE A 324 5.33 -9.78 0.52
C PHE A 324 5.10 -8.67 1.53
N ALA A 325 3.94 -8.01 1.39
CA ALA A 325 3.40 -7.04 2.34
C ALA A 325 3.47 -7.44 3.82
N SER A 326 3.22 -8.67 4.05
CA SER A 326 3.20 -9.15 5.44
C SER A 326 4.58 -9.03 6.12
N LYS A 327 5.63 -8.86 5.34
CA LYS A 327 6.91 -8.71 5.95
C LYS A 327 6.91 -7.44 6.81
N LEU A 328 6.18 -6.42 6.37
CA LEU A 328 6.12 -5.12 7.12
C LEU A 328 5.64 -5.28 8.59
N SER A 329 4.81 -6.28 8.84
CA SER A 329 4.42 -6.60 10.21
C SER A 329 4.95 -7.93 10.68
N THR A 334 7.68 -18.63 2.19
CA THR A 334 8.31 -18.27 3.53
C THR A 334 9.81 -18.72 3.82
N ILE A 335 10.30 -19.78 3.15
CA ILE A 335 11.78 -19.81 2.90
C ILE A 335 12.08 -19.98 1.39
N PRO A 336 12.92 -19.12 0.82
CA PRO A 336 13.13 -19.15 -0.66
C PRO A 336 13.78 -20.48 -1.11
N GLU A 337 13.28 -21.18 -2.08
CA GLU A 337 14.03 -22.31 -2.61
C GLU A 337 14.47 -21.97 -4.02
N VAL A 338 15.69 -22.40 -4.39
CA VAL A 338 16.23 -22.03 -5.71
C VAL A 338 15.50 -22.98 -6.65
N HIS A 339 14.98 -22.54 -7.80
CA HIS A 339 14.33 -23.40 -8.67
C HIS A 339 15.25 -24.37 -9.49
N LYS A 340 16.38 -23.84 -10.03
CA LYS A 340 17.30 -24.62 -10.88
C LYS A 340 18.06 -25.69 -10.06
N LYS A 341 18.56 -26.71 -10.77
CA LYS A 341 19.33 -27.84 -10.17
C LYS A 341 20.75 -27.46 -9.78
N PRO A 347 28.41 -24.53 -3.08
CA PRO A 347 29.08 -23.36 -2.41
C PRO A 347 28.12 -22.14 -2.12
N LEU A 348 27.72 -22.04 -0.83
CA LEU A 348 26.68 -21.17 -0.33
C LEU A 348 27.22 -19.89 0.26
N PHE A 349 26.57 -18.75 -0.08
CA PHE A 349 26.96 -17.42 0.42
C PHE A 349 25.82 -16.76 1.16
N THR A 350 26.14 -15.88 2.11
CA THR A 350 25.06 -15.09 2.76
C THR A 350 24.49 -14.06 1.75
N SER A 351 23.17 -14.17 1.60
CA SER A 351 22.46 -13.44 0.55
C SER A 351 21.32 -12.67 1.19
N SER A 352 21.06 -11.46 0.73
CA SER A 352 19.78 -10.79 0.98
C SER A 352 18.85 -10.70 -0.27
N LEU A 353 17.52 -10.70 -0.03
CA LEU A 353 16.56 -10.50 -1.13
C LEU A 353 15.74 -9.24 -0.83
N TRP A 354 15.65 -8.42 -1.86
CA TRP A 354 15.01 -7.13 -1.84
C TRP A 354 13.95 -7.12 -2.99
N GLY A 355 12.94 -6.28 -2.84
CA GLY A 355 11.97 -6.23 -3.93
C GLY A 355 12.42 -5.24 -4.98
N PRO A 356 11.57 -4.97 -5.99
CA PRO A 356 11.93 -4.17 -7.17
C PRO A 356 11.81 -2.64 -6.93
N SER A 357 11.24 -2.18 -5.84
CA SER A 357 11.29 -0.75 -5.53
C SER A 357 12.72 -0.26 -4.99
N CYS A 358 13.57 -1.15 -4.42
CA CYS A 358 14.90 -0.71 -3.87
C CYS A 358 14.84 0.27 -2.72
N ASP A 359 13.62 0.67 -2.36
CA ASP A 359 13.35 1.56 -1.28
C ASP A 359 13.56 0.85 0.07
N GLU A 360 13.69 1.65 1.15
CA GLU A 360 14.21 1.15 2.42
C GLU A 360 13.34 0.08 3.06
N LEU A 361 12.03 0.07 2.72
CA LEU A 361 11.09 -0.92 3.27
C LEU A 361 11.12 -2.32 2.56
N ASP A 362 11.74 -2.37 1.39
CA ASP A 362 11.56 -3.48 0.49
C ASP A 362 12.66 -4.57 0.61
N GLN A 363 13.07 -4.91 1.83
CA GLN A 363 14.08 -5.97 2.03
C GLN A 363 13.24 -7.13 2.51
N ILE A 364 13.25 -8.22 1.79
CA ILE A 364 12.27 -9.23 2.06
C ILE A 364 12.92 -10.31 2.94
N VAL A 365 14.19 -10.60 2.64
CA VAL A 365 14.97 -11.59 3.46
C VAL A 365 16.33 -10.95 3.72
N GLU A 366 16.55 -10.60 4.98
CA GLU A 366 17.72 -9.92 5.41
C GLU A 366 18.99 -10.76 5.25
N SER A 367 18.99 -12.05 5.57
CA SER A 367 20.08 -12.95 5.09
C SER A 367 19.73 -14.41 5.19
N CYS A 368 20.12 -15.13 4.16
CA CYS A 368 19.86 -16.54 4.08
C CYS A 368 21.10 -17.02 3.30
N LEU A 369 21.26 -18.34 3.18
CA LEU A 369 22.41 -18.87 2.46
C LEU A 369 21.93 -19.45 1.15
N LEU A 370 22.50 -18.93 0.07
CA LEU A 370 22.07 -19.27 -1.30
C LEU A 370 23.42 -19.64 -1.91
N PRO A 371 23.45 -20.49 -2.93
CA PRO A 371 24.30 -20.37 -4.13
C PRO A 371 24.35 -19.05 -4.83
N GLU A 372 25.44 -18.82 -5.58
CA GLU A 372 25.52 -17.62 -6.35
C GLU A 372 24.54 -17.81 -7.51
N LEU A 373 23.64 -16.84 -7.65
CA LEU A 373 22.59 -16.92 -8.62
C LEU A 373 22.84 -15.79 -9.53
N ASN A 374 22.16 -15.84 -10.65
CA ASN A 374 22.19 -14.85 -11.69
C ASN A 374 20.83 -14.25 -12.05
N VAL A 375 20.90 -13.06 -12.62
CA VAL A 375 19.75 -12.38 -13.09
C VAL A 375 19.01 -13.32 -14.02
N GLY A 376 17.67 -13.36 -13.87
CA GLY A 376 16.87 -14.30 -14.62
C GLY A 376 16.64 -15.64 -13.93
N ASP A 377 17.29 -15.91 -12.81
CA ASP A 377 17.03 -17.10 -12.09
C ASP A 377 15.73 -16.96 -11.19
N TRP A 378 15.03 -18.07 -10.95
CA TRP A 378 13.71 -18.09 -10.26
C TRP A 378 13.88 -18.65 -8.91
N LEU A 379 13.16 -18.06 -7.94
CA LEU A 379 13.12 -18.49 -6.54
C LEU A 379 11.66 -18.78 -6.21
N ILE A 380 11.43 -19.83 -5.40
CA ILE A 380 10.10 -20.38 -5.18
C ILE A 380 9.81 -20.26 -3.69
N PHE A 381 8.67 -19.64 -3.29
CA PHE A 381 8.32 -19.41 -1.86
C PHE A 381 6.98 -20.18 -1.65
N ASP A 382 6.93 -21.13 -0.67
CA ASP A 382 5.79 -22.01 -0.43
C ASP A 382 4.94 -21.22 0.57
N ASN A 383 3.68 -21.62 0.76
CA ASN A 383 2.84 -21.06 1.88
C ASN A 383 2.70 -19.56 1.79
N MET A 384 2.36 -19.14 0.56
CA MET A 384 2.27 -17.72 0.23
C MET A 384 0.76 -17.38 0.00
N GLY A 385 -0.19 -18.16 0.54
CA GLY A 385 -1.66 -17.83 0.27
C GLY A 385 -2.31 -16.74 1.08
N ALA A 386 -1.72 -16.38 2.25
CA ALA A 386 -2.36 -15.46 3.18
C ALA A 386 -1.71 -14.09 3.13
N ASP A 387 -2.50 -13.01 3.21
CA ASP A 387 -1.94 -11.57 3.18
C ASP A 387 -0.95 -11.31 2.01
N SER A 388 -1.22 -11.85 0.83
CA SER A 388 -0.30 -11.70 -0.28
C SER A 388 -1.01 -11.28 -1.56
N PHE A 389 -2.33 -11.52 -1.69
CA PHE A 389 -3.03 -11.25 -2.99
C PHE A 389 -3.55 -9.79 -2.96
N HIS A 390 -2.71 -8.87 -3.37
CA HIS A 390 -3.02 -7.48 -3.22
C HIS A 390 -3.21 -6.90 -4.63
N GLU A 391 -3.68 -5.67 -4.74
CA GLU A 391 -4.15 -5.17 -6.02
C GLU A 391 -2.92 -4.52 -6.71
N PRO A 392 -2.92 -4.39 -8.04
CA PRO A 392 -1.95 -3.54 -8.76
C PRO A 392 -2.10 -2.10 -8.23
N SER A 393 -1.01 -1.41 -8.01
CA SER A 393 -1.13 -0.05 -7.49
C SER A 393 0.05 0.73 -7.97
N ALA A 394 0.07 2.06 -7.73
CA ALA A 394 1.25 2.93 -8.14
C ALA A 394 2.57 2.34 -7.63
N PHE A 395 2.48 1.79 -6.43
CA PHE A 395 3.71 1.33 -5.76
C PHE A 395 4.31 0.06 -6.38
N ASN A 396 3.53 -0.79 -7.09
CA ASN A 396 4.13 -1.92 -7.84
C ASN A 396 4.13 -1.69 -9.38
N ASP A 397 4.03 -0.40 -9.76
CA ASP A 397 3.84 -0.05 -11.17
C ASP A 397 2.65 -0.85 -11.78
N PHE A 398 1.53 -0.98 -11.08
CA PHE A 398 0.33 -1.68 -11.59
C PHE A 398 0.57 -3.08 -12.15
N GLN A 399 1.49 -3.84 -11.56
CA GLN A 399 1.81 -5.22 -12.03
C GLN A 399 1.49 -6.20 -10.90
N ARG A 400 0.81 -7.30 -11.20
CA ARG A 400 0.72 -8.38 -10.16
C ARG A 400 0.96 -9.74 -10.85
N PRO A 401 1.40 -10.75 -10.08
CA PRO A 401 1.72 -12.08 -10.61
C PRO A 401 0.50 -12.67 -11.28
N ALA A 402 0.72 -13.57 -12.24
CA ALA A 402 -0.40 -14.31 -12.79
C ALA A 402 -0.82 -15.34 -11.72
N ILE A 403 -2.03 -15.89 -11.85
CA ILE A 403 -2.51 -16.83 -10.86
C ILE A 403 -2.89 -18.04 -11.74
N TYR A 404 -2.31 -19.18 -11.43
CA TYR A 404 -2.75 -20.43 -12.18
C TYR A 404 -3.38 -21.38 -11.16
N PHE A 405 -4.51 -22.03 -11.48
CA PHE A 405 -5.17 -22.95 -10.53
C PHE A 405 -5.04 -24.47 -10.88
N MET A 406 -4.87 -25.34 -9.90
CA MET A 406 -4.82 -26.77 -10.18
C MET A 406 -5.63 -27.46 -9.11
N MET A 407 -6.11 -28.66 -9.41
CA MET A 407 -6.58 -29.65 -8.39
C MET A 407 -6.23 -31.10 -8.80
N SER A 408 -6.06 -32.01 -7.85
CA SER A 408 -5.95 -33.46 -8.23
C SER A 408 -7.30 -33.97 -8.80
N PHE A 409 -7.30 -34.89 -9.82
CA PHE A 409 -8.61 -35.51 -10.22
C PHE A 409 -9.29 -35.99 -8.98
N SER A 410 -8.51 -36.56 -8.12
CA SER A 410 -9.11 -37.13 -6.92
C SER A 410 -9.89 -36.13 -5.99
N ASP A 411 -9.36 -34.93 -5.68
CA ASP A 411 -10.13 -33.90 -4.95
C ASP A 411 -11.37 -33.46 -5.77
N TRP A 412 -11.24 -33.29 -7.08
CA TRP A 412 -12.39 -32.94 -7.97
C TRP A 412 -13.52 -33.97 -7.86
N TYR A 413 -13.17 -35.28 -7.98
CA TYR A 413 -14.19 -36.41 -7.83
C TYR A 413 -14.96 -36.33 -6.60
N GLU A 414 -14.25 -36.06 -5.50
CA GLU A 414 -14.90 -35.80 -4.26
C GLU A 414 -15.87 -34.56 -4.18
N MET A 415 -15.53 -33.48 -4.92
CA MET A 415 -16.43 -32.29 -4.96
C MET A 415 -17.65 -32.71 -5.73
N GLN A 416 -17.42 -33.48 -6.80
CA GLN A 416 -18.50 -33.89 -7.72
C GLN A 416 -19.49 -34.72 -6.99
N ASP A 417 -18.95 -35.62 -6.19
CA ASP A 417 -19.76 -36.55 -5.50
C ASP A 417 -20.49 -35.89 -4.31
N ALA A 418 -19.93 -34.82 -3.73
CA ALA A 418 -20.70 -34.03 -2.72
C ALA A 418 -21.79 -33.11 -3.33
N GLY A 419 -21.91 -33.07 -4.66
CA GLY A 419 -22.89 -32.19 -5.31
C GLY A 419 -22.42 -30.76 -5.58
N ILE A 420 -21.18 -30.41 -5.19
CA ILE A 420 -20.85 -28.98 -5.21
C ILE A 420 -20.50 -28.43 -6.60
N THR A 421 -19.86 -29.23 -7.45
CA THR A 421 -19.54 -28.76 -8.78
C THR A 421 -20.83 -28.42 -9.59
N SER A 422 -21.97 -28.94 -9.20
CA SER A 422 -23.24 -28.62 -9.82
C SER A 422 -23.94 -27.29 -9.28
N ASP A 423 -23.33 -26.65 -8.30
CA ASP A 423 -23.98 -25.50 -7.64
C ASP A 423 -23.71 -24.33 -8.49
N ALA A 424 -24.74 -23.45 -8.63
CA ALA A 424 -24.62 -22.18 -9.37
C ALA A 424 -23.46 -21.34 -8.80
N MET A 425 -23.08 -21.50 -7.55
CA MET A 425 -21.93 -20.70 -7.00
C MET A 425 -20.61 -21.12 -7.69
N MET A 426 -20.58 -22.38 -8.23
CA MET A 426 -19.37 -22.85 -9.01
C MET A 426 -19.38 -22.60 -10.53
N LYS A 427 -20.28 -21.74 -11.00
CA LYS A 427 -20.50 -21.55 -12.42
C LYS A 427 -19.31 -21.02 -13.13
N ASN A 428 -18.43 -20.27 -12.46
CA ASN A 428 -17.29 -19.70 -13.19
C ASN A 428 -16.02 -20.63 -13.31
N PHE A 429 -16.12 -21.85 -12.82
CA PHE A 429 -14.89 -22.67 -12.74
C PHE A 429 -14.99 -23.65 -13.95
N PHE A 430 -13.87 -23.78 -14.66
CA PHE A 430 -13.83 -24.74 -15.81
C PHE A 430 -12.67 -25.66 -15.59
N PHE A 431 -12.98 -26.91 -15.29
CA PHE A 431 -12.03 -27.93 -14.92
C PHE A 431 -11.71 -28.79 -16.15
N ALA A 432 -10.45 -28.93 -16.46
CA ALA A 432 -9.99 -29.78 -17.54
C ALA A 432 -8.65 -30.43 -17.17
N PRO A 433 -8.45 -31.72 -17.65
CA PRO A 433 -7.19 -32.43 -17.55
C PRO A 433 -6.12 -31.49 -17.94
N SER A 434 -5.11 -31.41 -17.07
CA SER A 434 -4.00 -30.57 -17.22
C SER A 434 -3.14 -31.04 -18.41
N CYS A 435 -2.66 -30.05 -19.17
CA CYS A 435 -1.70 -30.29 -20.23
C CYS A 435 -0.49 -31.06 -19.75
N ALA B 8 -11.77 15.76 -16.14
CA ALA B 8 -11.59 16.54 -14.85
C ALA B 8 -11.44 18.07 -15.01
N ASN B 9 -12.12 18.83 -14.16
CA ASN B 9 -11.99 20.25 -14.16
C ASN B 9 -11.60 20.56 -12.71
N TYR B 10 -10.74 21.53 -12.51
CA TYR B 10 -10.38 21.93 -11.14
C TYR B 10 -10.93 23.32 -10.91
N SER B 11 -11.65 23.43 -9.80
CA SER B 11 -12.20 24.70 -9.38
C SER B 11 -11.24 25.33 -8.38
N VAL B 12 -10.72 26.51 -8.73
CA VAL B 12 -9.72 27.22 -7.86
C VAL B 12 -10.42 28.50 -7.27
N GLY B 13 -10.64 28.51 -5.96
CA GLY B 13 -11.19 29.68 -5.26
C GLY B 13 -10.12 30.79 -5.17
N LEU B 14 -10.42 32.00 -5.66
CA LEU B 14 -9.46 33.14 -5.53
C LEU B 14 -9.64 33.92 -4.26
N LEU B 15 -8.57 34.07 -3.51
CA LEU B 15 -8.80 34.65 -2.22
C LEU B 15 -8.44 36.19 -2.28
N ASP B 16 -9.44 36.98 -1.90
CA ASP B 16 -9.29 38.40 -1.74
C ASP B 16 -8.37 38.68 -0.57
N GLU B 17 -8.04 39.97 -0.50
CA GLU B 17 -7.21 40.53 0.51
C GLU B 17 -7.53 40.15 1.98
N GLY B 18 -8.77 40.32 2.44
CA GLY B 18 -9.00 39.88 3.84
C GLY B 18 -8.76 38.38 4.14
N THR B 19 -9.20 37.49 3.24
CA THR B 19 -9.24 36.01 3.47
C THR B 19 -7.89 35.18 3.32
N ASN B 20 -7.67 34.30 4.31
CA ASN B 20 -6.45 33.42 4.42
C ASN B 20 -6.80 31.89 4.54
N LEU B 21 -5.74 31.07 4.51
CA LEU B 21 -5.82 29.62 4.59
C LEU B 21 -6.71 29.21 5.78
N GLY B 22 -6.46 29.77 6.97
CA GLY B 22 -7.27 29.59 8.16
C GLY B 22 -8.77 29.73 7.92
N ASN B 23 -9.19 30.77 7.21
CA ASN B 23 -10.59 30.90 6.92
C ASN B 23 -11.08 29.81 6.00
N VAL B 24 -10.25 29.39 5.06
CA VAL B 24 -10.69 28.37 4.08
C VAL B 24 -10.90 27.07 4.80
N ILE B 25 -9.92 26.68 5.62
CA ILE B 25 -10.06 25.48 6.46
C ILE B 25 -11.36 25.52 7.34
N ASP B 26 -11.61 26.66 8.01
CA ASP B 26 -12.86 26.81 8.78
C ASP B 26 -14.04 26.60 7.91
N ASN B 27 -14.03 27.19 6.75
CA ASN B 27 -15.19 27.02 5.84
C ASN B 27 -15.42 25.58 5.47
N TYR B 28 -14.38 24.83 5.10
CA TYR B 28 -14.64 23.46 4.73
C TYR B 28 -14.89 22.55 5.93
N VAL B 29 -14.32 22.82 7.12
CA VAL B 29 -14.69 22.09 8.32
C VAL B 29 -16.21 22.22 8.53
N TYR B 30 -16.69 23.46 8.51
CA TYR B 30 -18.12 23.73 8.48
C TYR B 30 -18.88 22.94 7.41
N GLU B 31 -18.51 23.08 6.12
CA GLU B 31 -19.18 22.38 5.07
C GLU B 31 -19.26 20.84 5.38
N HIS B 32 -18.19 20.27 5.92
CA HIS B 32 -18.01 18.80 6.09
C HIS B 32 -18.79 18.32 7.36
N THR B 33 -19.02 19.22 8.30
CA THR B 33 -19.45 18.82 9.62
C THR B 33 -20.88 18.26 9.52
N LEU B 34 -21.72 18.90 8.74
CA LEU B 34 -23.08 18.31 8.63
C LEU B 34 -23.28 17.27 7.51
N THR B 35 -22.19 16.87 6.87
CA THR B 35 -22.24 16.11 5.68
C THR B 35 -21.39 14.90 6.20
N GLY B 36 -20.79 14.05 5.41
CA GLY B 36 -20.07 12.97 6.14
C GLY B 36 -18.88 13.14 7.13
N LYS B 37 -18.50 14.38 7.51
CA LYS B 37 -17.21 14.69 8.16
C LYS B 37 -15.91 14.10 7.51
N ASN B 38 -15.89 13.93 6.18
CA ASN B 38 -14.76 13.36 5.48
C ASN B 38 -13.46 14.22 5.64
N ALA B 39 -12.27 13.62 5.70
CA ALA B 39 -10.97 14.33 5.65
C ALA B 39 -10.91 15.18 4.35
N PHE B 40 -10.15 16.30 4.36
CA PHE B 40 -9.90 17.02 3.12
C PHE B 40 -8.55 17.67 3.16
N PHE B 41 -8.00 17.89 1.99
CA PHE B 41 -6.80 18.68 1.80
C PHE B 41 -7.23 20.03 1.26
N VAL B 42 -6.43 21.02 1.64
CA VAL B 42 -6.60 22.34 0.93
C VAL B 42 -5.24 22.59 0.28
N GLY B 43 -5.28 22.93 -1.00
CA GLY B 43 -4.05 23.08 -1.74
C GLY B 43 -3.90 24.51 -2.23
N ASP B 44 -2.84 25.17 -1.77
CA ASP B 44 -2.51 26.57 -2.25
C ASP B 44 -1.67 26.48 -3.49
N LEU B 45 -2.32 26.56 -4.65
CA LEU B 45 -1.62 26.37 -5.91
C LEU B 45 -0.70 27.55 -6.11
N GLY B 46 -0.96 28.65 -5.45
CA GLY B 46 -0.06 29.83 -5.74
C GLY B 46 1.29 29.63 -5.07
N LYS B 47 1.32 28.84 -4.03
CA LYS B 47 2.55 28.54 -3.29
C LYS B 47 3.51 27.69 -4.15
N ILE B 48 2.94 26.77 -4.95
CA ILE B 48 3.70 25.99 -5.94
C ILE B 48 4.32 26.96 -6.99
N VAL B 49 3.50 27.84 -7.52
CA VAL B 49 4.01 28.83 -8.49
C VAL B 49 5.11 29.79 -7.81
N LYS B 50 4.93 30.17 -6.59
CA LYS B 50 6.00 30.96 -5.92
C LYS B 50 7.29 30.16 -5.71
N LYS B 51 7.18 28.84 -5.51
CA LYS B 51 8.38 27.97 -5.39
C LYS B 51 9.11 27.98 -6.69
N HIS B 52 8.39 27.99 -7.78
CA HIS B 52 9.02 27.96 -9.08
C HIS B 52 9.67 29.35 -9.36
N SER B 53 8.99 30.43 -8.98
CA SER B 53 9.63 31.77 -9.16
C SER B 53 10.89 31.84 -8.37
N GLN B 54 10.79 31.47 -7.08
CA GLN B 54 11.97 31.32 -6.25
C GLN B 54 13.12 30.50 -6.90
N TRP B 55 12.82 29.36 -7.55
CA TRP B 55 13.85 28.53 -8.12
C TRP B 55 14.49 29.39 -9.23
N GLN B 56 13.66 29.95 -10.12
CA GLN B 56 14.17 30.70 -11.26
C GLN B 56 15.00 31.97 -10.80
N THR B 57 14.65 32.56 -9.68
CA THR B 57 15.44 33.69 -9.23
C THR B 57 16.80 33.27 -8.63
N VAL B 58 16.86 32.16 -7.86
CA VAL B 58 18.07 31.71 -7.22
C VAL B 58 19.04 30.97 -8.20
N VAL B 59 18.47 30.12 -9.09
CA VAL B 59 19.20 29.24 -10.00
C VAL B 59 18.62 29.16 -11.39
N ALA B 60 18.52 30.34 -12.01
CA ALA B 60 18.01 30.43 -13.35
C ALA B 60 18.48 29.46 -14.39
N GLN B 61 19.75 29.02 -14.33
CA GLN B 61 20.33 28.26 -15.45
C GLN B 61 19.94 26.76 -15.32
N ILE B 62 19.35 26.36 -14.15
CA ILE B 62 19.16 24.91 -13.83
C ILE B 62 17.66 24.59 -14.03
N LYS B 63 17.40 23.80 -15.02
CA LYS B 63 16.03 23.40 -15.38
C LYS B 63 15.58 22.28 -14.43
N PRO B 64 14.53 22.56 -13.67
CA PRO B 64 13.92 21.47 -12.80
C PRO B 64 13.06 20.45 -13.55
N PHE B 65 13.23 19.20 -13.11
CA PHE B 65 12.49 18.07 -13.61
C PHE B 65 11.73 17.57 -12.38
N TYR B 66 10.44 17.87 -12.33
CA TYR B 66 9.69 17.56 -11.12
C TYR B 66 9.64 16.00 -10.81
N THR B 67 9.87 15.61 -9.57
CA THR B 67 9.80 14.18 -9.14
C THR B 67 8.31 13.87 -8.95
N VAL B 68 7.68 13.36 -10.01
CA VAL B 68 6.29 12.97 -10.01
C VAL B 68 5.82 12.13 -8.83
N LYS B 69 6.63 11.12 -8.41
CA LYS B 69 6.36 10.35 -7.20
C LYS B 69 6.03 11.13 -5.92
N CYS B 70 6.52 12.37 -5.75
CA CYS B 70 6.20 13.10 -4.57
C CYS B 70 4.74 13.45 -4.43
N ASN B 71 4.14 13.80 -5.57
CA ASN B 71 2.74 14.19 -5.69
C ASN B 71 2.38 14.20 -7.12
N SER B 72 1.56 13.16 -7.53
CA SER B 72 1.22 12.99 -8.94
C SER B 72 -0.22 13.48 -9.25
N THR B 73 -0.81 14.25 -8.36
CA THR B 73 -2.14 14.76 -8.63
C THR B 73 -2.10 15.67 -9.93
N PRO B 74 -3.06 15.46 -10.87
CA PRO B 74 -2.89 16.12 -12.23
C PRO B 74 -2.92 17.61 -12.20
N ALA B 75 -3.73 18.25 -11.34
CA ALA B 75 -3.63 19.70 -11.22
C ALA B 75 -2.18 20.18 -10.96
N VAL B 76 -1.50 19.51 -10.04
CA VAL B 76 -0.08 19.84 -9.74
C VAL B 76 0.79 19.63 -10.96
N LEU B 77 0.61 18.54 -11.65
CA LEU B 77 1.51 18.22 -12.78
C LEU B 77 1.28 19.24 -13.91
N GLU B 78 -0.01 19.59 -14.14
CA GLU B 78 -0.38 20.54 -15.27
C GLU B 78 0.20 21.92 -15.00
N ILE B 79 0.07 22.34 -13.76
CA ILE B 79 0.62 23.62 -13.41
C ILE B 79 2.17 23.71 -13.58
N LEU B 80 2.87 22.69 -13.07
CA LEU B 80 4.32 22.62 -13.32
C LEU B 80 4.68 22.51 -14.78
N ALA B 81 3.95 21.74 -15.57
CA ALA B 81 4.18 21.68 -17.03
C ALA B 81 4.02 23.08 -17.69
N ALA B 82 2.94 23.78 -17.31
CA ALA B 82 2.66 25.17 -17.87
C ALA B 82 3.74 26.15 -17.33
N LEU B 83 4.27 25.94 -16.13
CA LEU B 83 5.42 26.75 -15.69
C LEU B 83 6.73 26.40 -16.43
N GLY B 84 6.82 25.29 -17.17
CA GLY B 84 8.04 24.99 -17.96
C GLY B 84 8.87 23.86 -17.40
N THR B 85 8.42 23.24 -16.31
CA THR B 85 9.20 22.15 -15.77
C THR B 85 9.35 20.96 -16.71
N GLY B 86 10.36 20.13 -16.42
CA GLY B 86 10.43 18.78 -16.96
C GLY B 86 9.89 17.81 -15.90
N PHE B 87 10.01 16.53 -16.17
CA PHE B 87 9.45 15.53 -15.23
C PHE B 87 10.37 14.41 -15.04
N ALA B 88 10.60 14.04 -13.79
CA ALA B 88 11.41 12.86 -13.52
C ALA B 88 10.46 11.68 -12.99
N CYS B 89 10.38 10.61 -13.74
CA CYS B 89 9.45 9.49 -13.52
C CYS B 89 10.22 8.27 -13.15
N SER B 90 9.69 7.46 -12.24
CA SER B 90 10.39 6.29 -11.97
C SER B 90 9.61 5.03 -12.21
N SER B 91 8.56 5.08 -13.04
CA SER B 91 7.84 3.88 -13.43
C SER B 91 7.14 4.16 -14.74
N LYS B 92 6.69 3.11 -15.37
CA LYS B 92 5.95 3.24 -16.57
C LYS B 92 4.70 4.05 -16.38
N ASN B 93 4.01 3.81 -15.29
CA ASN B 93 2.75 4.50 -15.08
C ASN B 93 2.91 5.98 -14.83
N GLU B 94 4.03 6.40 -14.23
CA GLU B 94 4.37 7.84 -14.04
C GLU B 94 4.72 8.51 -15.37
N MET B 95 5.52 7.80 -16.17
CA MET B 95 5.77 8.22 -17.52
C MET B 95 4.46 8.31 -18.36
N ALA B 96 3.64 7.28 -18.31
CA ALA B 96 2.33 7.30 -19.05
C ALA B 96 1.45 8.47 -18.59
N LEU B 97 1.39 8.74 -17.28
CA LEU B 97 0.53 9.80 -16.79
C LEU B 97 0.99 11.20 -17.32
N VAL B 98 2.32 11.49 -17.27
CA VAL B 98 2.82 12.75 -17.75
C VAL B 98 2.58 12.93 -19.25
N GLN B 99 2.83 11.93 -20.03
CA GLN B 99 2.51 12.02 -21.49
C GLN B 99 1.05 12.16 -21.83
N GLU B 100 0.18 11.53 -21.06
CA GLU B 100 -1.30 11.69 -21.24
C GLU B 100 -1.76 13.17 -21.03
N LEU B 101 -1.10 13.92 -20.12
CA LEU B 101 -1.43 15.32 -19.90
C LEU B 101 -0.84 16.22 -21.02
N GLY B 102 -0.02 15.65 -21.90
CA GLY B 102 0.43 16.31 -23.07
C GLY B 102 1.90 16.66 -23.00
N VAL B 103 2.60 16.21 -21.93
CA VAL B 103 4.09 16.51 -21.88
C VAL B 103 4.91 15.78 -22.98
N SER B 104 5.81 16.44 -23.73
CA SER B 104 6.54 15.64 -24.70
C SER B 104 7.69 14.83 -24.06
N PRO B 105 8.04 13.70 -24.71
CA PRO B 105 8.94 12.73 -24.15
C PRO B 105 10.34 13.30 -23.90
N GLU B 106 10.77 14.30 -24.66
CA GLU B 106 12.02 15.05 -24.32
C GLU B 106 12.06 15.74 -22.96
N ASN B 107 10.88 15.99 -22.36
CA ASN B 107 10.93 16.60 -21.10
C ASN B 107 10.75 15.59 -19.98
N ILE B 108 11.01 14.33 -20.26
CA ILE B 108 10.81 13.29 -19.27
C ILE B 108 12.17 12.63 -19.06
N ILE B 109 12.56 12.39 -17.83
CA ILE B 109 13.69 11.48 -17.60
C ILE B 109 13.25 10.26 -16.78
N PHE B 110 13.71 9.08 -17.18
CA PHE B 110 13.40 7.83 -16.53
C PHE B 110 14.53 7.49 -15.48
N THR B 111 14.19 7.62 -14.21
CA THR B 111 15.15 7.64 -13.07
C THR B 111 15.13 6.39 -12.14
N SER B 112 14.47 5.35 -12.51
CA SER B 112 14.31 4.26 -11.57
C SER B 112 15.69 3.60 -11.31
N PRO B 113 16.04 3.31 -10.04
CA PRO B 113 17.32 2.65 -9.80
C PRO B 113 17.35 1.18 -10.12
N CYS B 114 16.20 0.59 -10.40
CA CYS B 114 16.26 -0.81 -10.79
C CYS B 114 15.32 -1.00 -11.97
N LYS B 115 15.72 -0.69 -13.19
CA LYS B 115 14.78 -0.66 -14.34
C LYS B 115 14.54 -2.05 -14.77
N GLN B 116 13.29 -2.42 -15.09
CA GLN B 116 12.99 -3.69 -15.69
C GLN B 116 12.92 -3.64 -17.15
N VAL B 117 13.09 -4.76 -17.78
CA VAL B 117 13.12 -4.79 -19.22
C VAL B 117 11.79 -4.23 -19.79
N SER B 118 10.66 -4.51 -19.13
CA SER B 118 9.41 -4.13 -19.78
C SER B 118 9.28 -2.64 -19.62
N GLN B 119 9.82 -2.03 -18.54
CA GLN B 119 9.78 -0.55 -18.49
C GLN B 119 10.66 0.07 -19.55
N ILE B 120 11.88 -0.47 -19.73
CA ILE B 120 12.76 0.01 -20.77
C ILE B 120 12.15 -0.12 -22.17
N LYS B 121 11.47 -1.24 -22.48
CA LYS B 121 10.89 -1.34 -23.78
C LYS B 121 9.69 -0.36 -23.89
N TYR B 122 8.92 -0.17 -22.82
CA TYR B 122 7.84 0.87 -22.86
C TYR B 122 8.40 2.24 -23.28
N ALA B 123 9.50 2.60 -22.59
CA ALA B 123 10.18 3.86 -22.74
C ALA B 123 10.63 4.01 -24.20
N ALA B 124 11.20 2.96 -24.79
CA ALA B 124 11.57 3.05 -26.17
C ALA B 124 10.29 3.20 -27.10
N LYS B 125 9.22 2.52 -26.74
CA LYS B 125 8.01 2.53 -27.59
C LYS B 125 7.38 3.90 -27.62
N VAL B 126 7.40 4.58 -26.48
CA VAL B 126 6.82 5.90 -26.38
C VAL B 126 7.80 7.04 -26.60
N GLY B 127 9.06 6.71 -26.93
CA GLY B 127 9.98 7.73 -27.20
C GLY B 127 10.59 8.50 -26.05
N VAL B 128 10.58 7.94 -24.83
CA VAL B 128 11.36 8.51 -23.74
C VAL B 128 12.78 7.96 -23.81
N ASN B 129 13.73 8.84 -24.16
CA ASN B 129 15.13 8.42 -24.39
C ASN B 129 16.04 8.63 -23.22
N ILE B 130 15.81 9.70 -22.44
CA ILE B 130 16.78 10.06 -21.40
C ILE B 130 16.54 9.27 -20.08
N MET B 131 17.57 8.58 -19.66
CA MET B 131 17.46 7.77 -18.50
C MET B 131 18.77 7.75 -17.68
N THR B 132 18.71 7.36 -16.41
CA THR B 132 19.94 7.26 -15.57
C THR B 132 20.37 5.78 -15.55
N CYS B 133 21.62 5.51 -15.18
CA CYS B 133 22.03 4.16 -14.97
C CYS B 133 23.32 4.19 -14.08
N ASP B 134 23.47 3.19 -13.20
CA ASP B 134 24.62 3.15 -12.31
C ASP B 134 25.34 1.80 -12.28
N ASN B 135 25.06 0.91 -13.24
CA ASN B 135 25.61 -0.48 -13.16
C ASN B 135 25.48 -1.16 -14.47
N GLU B 136 26.35 -2.11 -14.68
CA GLU B 136 26.50 -2.73 -15.97
C GLU B 136 25.35 -3.69 -16.31
N ILE B 137 24.78 -4.32 -15.32
CA ILE B 137 23.61 -5.17 -15.59
C ILE B 137 22.46 -4.30 -16.22
N GLU B 138 22.21 -3.13 -15.66
CA GLU B 138 21.16 -2.28 -16.24
C GLU B 138 21.61 -1.70 -17.59
N LEU B 139 22.92 -1.41 -17.77
CA LEU B 139 23.35 -0.81 -19.03
C LEU B 139 23.08 -1.78 -20.14
N LYS B 140 23.27 -3.07 -19.83
CA LYS B 140 23.04 -4.11 -20.81
C LYS B 140 21.55 -4.31 -21.16
N LYS B 141 20.69 -4.22 -20.15
CA LYS B 141 19.23 -4.17 -20.54
C LYS B 141 18.89 -2.94 -21.37
N ILE B 142 19.42 -1.76 -21.06
CA ILE B 142 19.15 -0.61 -21.92
C ILE B 142 19.61 -0.88 -23.37
N ALA B 143 20.85 -1.36 -23.49
CA ALA B 143 21.45 -1.61 -24.80
C ALA B 143 20.63 -2.51 -25.66
N ARG B 144 20.19 -3.61 -25.05
CA ARG B 144 19.46 -4.61 -25.78
C ARG B 144 18.03 -4.14 -26.13
N ASN B 145 17.45 -3.27 -25.31
CA ASN B 145 15.98 -3.04 -25.43
C ASN B 145 15.57 -1.64 -25.85
N HIS B 146 16.53 -0.72 -25.84
CA HIS B 146 16.31 0.66 -26.15
C HIS B 146 17.43 1.21 -27.00
N PRO B 147 17.29 1.17 -28.32
CA PRO B 147 18.30 1.65 -29.30
C PRO B 147 18.54 3.13 -29.32
N ASN B 148 17.62 3.96 -28.77
CA ASN B 148 17.82 5.39 -28.74
C ASN B 148 18.10 6.00 -27.40
N ALA B 149 18.48 5.17 -26.42
CA ALA B 149 18.59 5.68 -25.04
C ALA B 149 19.69 6.73 -25.02
N LYS B 150 19.56 7.71 -24.16
CA LYS B 150 20.54 8.78 -23.88
C LYS B 150 20.73 8.66 -22.42
N VAL B 151 21.89 8.12 -21.99
CA VAL B 151 22.12 7.80 -20.59
C VAL B 151 22.96 8.77 -19.77
N LEU B 152 22.51 9.06 -18.55
CA LEU B 152 23.20 9.84 -17.53
C LEU B 152 23.75 8.78 -16.61
N LEU B 153 25.04 8.81 -16.43
CA LEU B 153 25.69 7.89 -15.46
C LEU B 153 25.47 8.45 -14.12
N HIS B 154 24.91 7.62 -13.25
CA HIS B 154 24.48 8.10 -11.90
C HIS B 154 25.71 7.79 -10.97
N ILE B 155 26.40 8.79 -10.46
CA ILE B 155 27.45 8.58 -9.46
C ILE B 155 27.09 8.87 -8.03
N ALA B 156 27.68 8.05 -7.17
CA ALA B 156 27.49 8.12 -5.74
C ALA B 156 28.19 9.33 -5.14
N THR B 157 27.68 9.75 -4.01
CA THR B 157 28.00 10.99 -3.45
C THR B 157 28.25 10.58 -2.01
N GLU B 158 29.19 11.20 -1.32
CA GLU B 158 29.42 10.87 0.13
C GLU B 158 28.55 11.65 1.16
N ASP B 159 27.22 11.45 1.22
CA ASP B 159 26.30 12.38 1.93
C ASP B 159 25.69 11.96 3.31
N MET B 168 18.28 4.69 1.57
CA MET B 168 18.90 3.86 0.49
C MET B 168 19.73 4.82 -0.42
N LYS B 169 21.00 4.47 -0.71
CA LYS B 169 21.84 5.35 -1.52
C LYS B 169 22.14 4.63 -2.84
N PHE B 170 22.21 5.41 -3.89
CA PHE B 170 22.44 4.81 -5.19
C PHE B 170 23.62 5.51 -5.88
N GLY B 171 24.05 4.96 -6.98
CA GLY B 171 25.01 5.63 -7.89
C GLY B 171 26.30 4.82 -7.80
N THR B 172 27.23 5.02 -8.73
CA THR B 172 28.31 4.12 -8.91
C THR B 172 29.57 4.82 -8.42
N THR B 173 30.60 4.06 -8.08
CA THR B 173 31.86 4.70 -7.60
C THR B 173 32.50 5.39 -8.79
N LEU B 174 33.32 6.39 -8.49
CA LEU B 174 34.13 7.02 -9.46
C LEU B 174 34.96 6.01 -10.20
N LYS B 175 35.46 5.03 -9.44
CA LYS B 175 36.30 3.97 -10.01
C LYS B 175 35.61 3.10 -11.08
N ASN B 176 34.30 2.77 -10.90
CA ASN B 176 33.50 1.96 -11.86
C ASN B 176 33.00 2.74 -13.05
N CYS B 177 33.06 4.07 -13.02
CA CYS B 177 32.58 4.87 -14.16
C CYS B 177 33.35 4.61 -15.43
N ARG B 178 34.68 4.55 -15.32
CA ARG B 178 35.50 4.20 -16.51
C ARG B 178 35.03 2.87 -17.13
N HIS B 179 34.82 1.89 -16.29
CA HIS B 179 34.36 0.59 -16.71
C HIS B 179 32.99 0.71 -17.44
N LEU B 180 32.07 1.50 -16.86
CA LEU B 180 30.74 1.63 -17.56
C LEU B 180 30.85 2.38 -18.84
N LEU B 181 31.67 3.44 -18.90
CA LEU B 181 31.95 4.13 -20.20
C LEU B 181 32.43 3.19 -21.33
N GLU B 182 33.34 2.29 -20.95
CA GLU B 182 33.86 1.30 -21.91
C GLU B 182 32.78 0.31 -22.29
N CYS B 183 31.99 -0.19 -21.32
CA CYS B 183 30.84 -1.08 -21.74
C CYS B 183 29.88 -0.41 -22.72
N ALA B 184 29.44 0.82 -22.39
CA ALA B 184 28.59 1.67 -23.27
C ALA B 184 29.16 1.77 -24.74
N LYS B 185 30.42 2.06 -24.83
CA LYS B 185 30.97 2.23 -26.15
C LYS B 185 30.85 0.93 -26.90
N GLU B 186 31.12 -0.18 -26.28
CA GLU B 186 31.00 -1.42 -26.99
C GLU B 186 29.55 -1.92 -27.27
N LEU B 187 28.61 -1.45 -26.45
CA LEU B 187 27.15 -1.80 -26.62
C LEU B 187 26.44 -0.76 -27.48
N ASP B 188 27.17 0.26 -27.92
CA ASP B 188 26.62 1.36 -28.75
C ASP B 188 25.57 2.14 -28.00
N VAL B 189 25.75 2.28 -26.71
CA VAL B 189 24.87 3.13 -25.89
C VAL B 189 25.36 4.56 -25.88
N GLN B 190 24.46 5.52 -26.15
CA GLN B 190 24.78 6.93 -25.95
C GLN B 190 24.82 7.40 -24.49
N ILE B 191 26.02 7.71 -23.98
CA ILE B 191 26.18 8.43 -22.74
C ILE B 191 26.19 9.90 -23.04
N ILE B 192 25.39 10.65 -22.27
CA ILE B 192 25.22 12.05 -22.55
C ILE B 192 25.45 12.84 -21.30
N GLY B 193 25.75 12.19 -20.17
CA GLY B 193 25.90 13.02 -19.00
C GLY B 193 26.03 12.29 -17.70
N VAL B 194 25.84 13.02 -16.67
CA VAL B 194 26.07 12.58 -15.31
C VAL B 194 24.87 13.02 -14.39
N LYS B 195 24.57 12.20 -13.40
CA LYS B 195 23.62 12.52 -12.33
C LYS B 195 24.22 12.25 -11.00
N PHE B 196 24.03 13.17 -10.05
CA PHE B 196 24.29 12.80 -8.65
C PHE B 196 23.10 13.39 -7.80
N HIS B 197 23.08 13.00 -6.57
CA HIS B 197 22.09 13.51 -5.61
C HIS B 197 22.70 13.61 -4.24
N VAL B 198 22.46 14.70 -3.52
CA VAL B 198 22.89 14.88 -2.15
C VAL B 198 21.64 15.16 -1.32
N SER B 199 21.40 14.33 -0.32
CA SER B 199 20.35 14.61 0.70
C SER B 199 20.33 16.06 1.17
N SER B 200 19.14 16.67 1.27
CA SER B 200 19.05 17.99 1.86
C SER B 200 19.43 17.93 3.36
N ALA B 201 19.49 16.75 3.95
CA ALA B 201 19.86 16.70 5.38
C ALA B 201 21.41 16.83 5.60
N CYS B 202 22.20 16.79 4.53
CA CYS B 202 23.66 16.87 4.55
C CYS B 202 24.08 18.32 4.44
N LYS B 203 24.63 18.89 5.51
CA LYS B 203 24.96 20.27 5.53
C LYS B 203 26.46 20.40 5.44
N GLU B 204 27.14 19.31 5.09
CA GLU B 204 28.55 19.36 4.82
C GLU B 204 28.74 19.59 3.34
N TYR B 205 29.06 20.81 3.00
CA TYR B 205 28.94 21.22 1.63
C TYR B 205 30.17 20.91 0.71
N GLN B 206 31.24 20.34 1.30
CA GLN B 206 32.30 19.68 0.53
C GLN B 206 31.74 18.53 -0.28
N VAL B 207 30.69 17.87 0.25
CA VAL B 207 30.03 16.77 -0.49
C VAL B 207 29.67 17.24 -1.84
N TYR B 208 29.13 18.47 -1.93
CA TYR B 208 28.82 19.01 -3.28
C TYR B 208 30.10 19.32 -4.08
N VAL B 209 31.16 19.73 -3.38
CA VAL B 209 32.37 20.14 -4.13
C VAL B 209 32.93 18.90 -4.76
N HIS B 210 33.03 17.81 -4.03
CA HIS B 210 33.47 16.53 -4.60
C HIS B 210 32.55 15.94 -5.62
N ALA B 211 31.23 16.06 -5.42
CA ALA B 211 30.32 15.55 -6.53
C ALA B 211 30.57 16.28 -7.80
N LEU B 212 30.73 17.61 -7.74
CA LEU B 212 30.94 18.31 -9.04
C LEU B 212 32.26 18.02 -9.71
N SER B 213 33.29 17.80 -8.87
CA SER B 213 34.62 17.54 -9.45
C SER B 213 34.69 16.10 -9.92
N ASP B 214 34.07 15.13 -9.19
CA ASP B 214 33.81 13.76 -9.75
C ASP B 214 33.07 13.78 -11.09
N ALA B 215 31.93 14.48 -11.13
CA ALA B 215 31.19 14.73 -12.46
C ALA B 215 32.09 15.27 -13.57
N ARG B 216 32.85 16.34 -13.27
CA ARG B 216 33.78 16.93 -14.34
C ARG B 216 34.77 15.86 -14.83
N CYS B 217 35.27 15.05 -13.92
CA CYS B 217 36.12 13.90 -14.31
C CYS B 217 35.47 12.86 -15.22
N VAL B 218 34.22 12.47 -14.92
CA VAL B 218 33.53 11.59 -15.81
C VAL B 218 33.26 12.25 -17.09
N PHE B 219 32.90 13.53 -17.10
CA PHE B 219 32.74 14.21 -18.37
C PHE B 219 34.09 14.16 -19.18
N ASP B 220 35.18 14.45 -18.48
CA ASP B 220 36.49 14.43 -19.20
C ASP B 220 36.78 13.02 -19.79
N MET B 221 36.70 11.94 -19.00
CA MET B 221 36.87 10.56 -19.53
C MET B 221 35.90 10.20 -20.65
N ALA B 222 34.63 10.60 -20.53
CA ALA B 222 33.68 10.20 -21.59
C ALA B 222 34.05 10.82 -22.96
N GLY B 223 34.48 12.09 -22.89
CA GLY B 223 35.01 12.90 -23.98
C GLY B 223 36.08 12.11 -24.71
N GLU B 224 36.89 11.38 -23.95
CA GLU B 224 38.03 10.57 -24.46
C GLU B 224 37.53 9.40 -25.28
N PHE B 225 36.39 8.82 -24.89
CA PHE B 225 35.69 7.75 -25.63
C PHE B 225 34.89 8.28 -26.81
N GLY B 226 34.80 9.60 -26.94
CA GLY B 226 34.05 10.22 -28.09
C GLY B 226 32.52 10.47 -27.88
N PHE B 227 32.09 10.40 -26.60
CA PHE B 227 30.67 10.73 -26.24
C PHE B 227 30.54 12.18 -26.18
N THR B 228 29.34 12.65 -26.56
CA THR B 228 28.95 14.07 -26.46
C THR B 228 28.17 14.35 -25.15
N MET B 229 28.88 14.87 -24.15
CA MET B 229 28.36 15.04 -22.85
C MET B 229 27.71 16.43 -22.72
N ASN B 230 26.38 16.49 -22.55
CA ASN B 230 25.70 17.76 -22.57
C ASN B 230 24.56 17.91 -21.50
N MET B 231 24.54 17.02 -20.48
CA MET B 231 23.58 17.17 -19.37
C MET B 231 24.22 16.79 -18.05
N LEU B 232 24.02 17.62 -17.04
CA LEU B 232 24.46 17.38 -15.67
C LEU B 232 23.21 17.50 -14.78
N ASP B 233 22.84 16.41 -14.11
CA ASP B 233 21.71 16.43 -13.18
C ASP B 233 22.27 16.46 -11.77
N ILE B 234 21.97 17.48 -11.00
CA ILE B 234 22.42 17.65 -9.65
C ILE B 234 21.43 17.14 -8.60
N GLY B 235 20.38 16.40 -9.04
CA GLY B 235 19.63 15.73 -7.97
C GLY B 235 18.49 16.49 -7.33
N GLY B 236 17.94 15.94 -6.29
CA GLY B 236 16.68 16.51 -5.75
C GLY B 236 16.79 17.00 -4.33
N GLY B 237 18.03 17.18 -3.81
CA GLY B 237 18.16 17.51 -2.36
C GLY B 237 17.77 18.95 -1.98
N PHE B 238 16.47 19.35 -2.17
CA PHE B 238 16.00 20.77 -1.95
C PHE B 238 14.70 20.76 -1.13
N THR B 239 14.68 21.44 0.00
CA THR B 239 13.55 21.37 0.93
C THR B 239 12.36 22.30 0.58
N GLY B 240 12.60 23.36 -0.18
CA GLY B 240 11.58 24.40 -0.57
C GLY B 240 11.96 25.74 0.06
N THR B 241 12.74 25.72 1.14
CA THR B 241 13.04 27.02 1.76
C THR B 241 14.06 27.78 0.92
N GLU B 242 13.87 29.09 0.93
CA GLU B 242 14.84 30.04 0.24
C GLU B 242 16.29 29.88 0.81
N ILE B 243 16.39 29.75 2.13
CA ILE B 243 17.67 29.69 2.82
C ILE B 243 18.43 28.43 2.38
N GLN B 244 17.73 27.28 2.33
CA GLN B 244 18.39 26.03 2.01
C GLN B 244 18.82 26.02 0.52
N LEU B 245 17.95 26.50 -0.37
CA LEU B 245 18.26 26.62 -1.73
C LEU B 245 19.48 27.64 -1.91
N GLU B 246 19.43 28.75 -1.16
CA GLU B 246 20.50 29.76 -1.27
C GLU B 246 21.85 29.19 -0.79
N GLU B 247 21.84 28.40 0.29
CA GLU B 247 23.05 27.69 0.76
C GLU B 247 23.63 26.76 -0.25
N VAL B 248 22.80 25.99 -0.93
CA VAL B 248 23.35 25.05 -1.96
C VAL B 248 23.93 25.84 -3.09
N ASN B 249 23.19 26.87 -3.52
CA ASN B 249 23.60 27.61 -4.67
C ASN B 249 24.96 28.36 -4.35
N HIS B 250 25.09 28.83 -3.12
CA HIS B 250 26.35 29.49 -2.69
C HIS B 250 27.55 28.59 -3.05
N VAL B 251 27.49 27.33 -2.63
CA VAL B 251 28.55 26.38 -2.89
C VAL B 251 28.68 25.94 -4.36
N ILE B 252 27.58 25.61 -5.06
CA ILE B 252 27.69 25.04 -6.39
C ILE B 252 27.93 26.04 -7.46
N SER B 253 27.50 27.25 -7.22
CA SER B 253 27.51 28.25 -8.35
C SER B 253 28.91 28.63 -8.91
N PRO B 254 29.90 28.90 -8.00
CA PRO B 254 31.31 29.08 -8.47
C PRO B 254 31.84 27.86 -9.24
N LEU B 255 31.52 26.65 -8.78
CA LEU B 255 32.00 25.40 -9.43
C LEU B 255 31.39 25.10 -10.74
N LEU B 256 30.09 25.31 -10.83
CA LEU B 256 29.42 25.25 -12.13
C LEU B 256 29.97 26.30 -13.12
N ASP B 257 30.18 27.54 -12.63
CA ASP B 257 30.76 28.58 -13.50
C ASP B 257 32.12 28.08 -14.05
N ILE B 258 32.95 27.44 -13.23
CA ILE B 258 34.27 26.92 -13.78
C ILE B 258 34.22 25.64 -14.70
N TYR B 259 33.55 24.61 -14.17
CA TYR B 259 33.55 23.28 -14.78
C TYR B 259 32.49 23.01 -15.81
N PHE B 260 31.30 23.61 -15.65
CA PHE B 260 30.25 23.45 -16.71
C PHE B 260 29.73 24.87 -17.08
N PRO B 261 30.64 25.75 -17.64
CA PRO B 261 30.21 27.14 -17.86
C PRO B 261 29.11 27.37 -18.91
N GLU B 262 28.43 28.51 -18.76
CA GLU B 262 27.51 29.01 -19.76
C GLU B 262 28.26 29.11 -21.08
N GLY B 263 27.62 28.65 -22.14
CA GLY B 263 28.33 28.54 -23.40
C GLY B 263 28.91 27.18 -23.81
N SER B 264 29.29 26.31 -22.86
CA SER B 264 29.69 24.94 -23.16
C SER B 264 28.62 24.03 -23.86
N GLY B 265 27.36 24.47 -23.83
CA GLY B 265 26.22 23.66 -24.29
C GLY B 265 25.82 22.51 -23.35
N ILE B 266 26.30 22.54 -22.12
CA ILE B 266 25.94 21.56 -21.09
C ILE B 266 24.71 22.10 -20.32
N GLN B 267 23.56 21.47 -20.57
CA GLN B 267 22.37 21.80 -19.80
C GLN B 267 22.48 21.30 -18.37
N ILE B 268 22.23 22.11 -17.37
CA ILE B 268 22.27 21.62 -15.98
C ILE B 268 20.73 21.46 -15.59
N ILE B 269 20.38 20.35 -14.92
CA ILE B 269 19.03 20.03 -14.49
C ILE B 269 19.05 19.62 -13.06
N SER B 270 17.86 19.62 -12.42
CA SER B 270 17.72 19.13 -11.08
C SER B 270 16.37 18.34 -11.01
N GLU B 271 16.16 17.62 -9.89
CA GLU B 271 14.89 16.83 -9.68
C GLU B 271 14.17 17.26 -8.44
N PRO B 272 13.78 18.55 -8.30
CA PRO B 272 13.16 18.85 -6.99
C PRO B 272 11.72 18.18 -6.97
N GLY B 273 11.23 17.87 -5.82
CA GLY B 273 9.81 17.33 -5.71
C GLY B 273 9.11 17.95 -4.54
N SER B 274 9.51 17.51 -3.34
CA SER B 274 8.98 17.98 -2.07
C SER B 274 9.18 19.53 -1.97
N TYR B 275 10.28 20.00 -2.63
CA TYR B 275 10.56 21.43 -2.78
C TYR B 275 9.28 22.16 -3.22
N TYR B 276 8.63 21.69 -4.27
CA TYR B 276 7.47 22.42 -4.80
C TYR B 276 6.21 22.27 -3.98
N VAL B 277 5.98 21.06 -3.42
CA VAL B 277 4.60 20.65 -2.91
C VAL B 277 4.46 20.47 -1.44
N SER B 278 5.54 20.20 -0.74
CA SER B 278 5.34 19.84 0.67
C SER B 278 4.41 20.83 1.47
N SER B 279 4.69 22.14 1.36
CA SER B 279 4.07 23.13 2.27
C SER B 279 2.85 23.80 1.58
N ALA B 280 2.58 23.46 0.31
CA ALA B 280 1.40 23.92 -0.50
C ALA B 280 -0.01 23.26 -0.04
N PHE B 281 0.05 22.16 0.71
CA PHE B 281 -1.12 21.39 1.16
C PHE B 281 -1.20 21.28 2.62
N THR B 282 -2.44 21.36 3.03
CA THR B 282 -2.83 21.15 4.48
C THR B 282 -3.94 20.11 4.57
N LEU B 283 -3.86 19.19 5.54
CA LEU B 283 -4.86 18.12 5.59
C LEU B 283 -5.62 18.30 6.88
N ALA B 284 -6.91 18.20 6.77
CA ALA B 284 -7.84 18.17 7.89
C ALA B 284 -8.57 16.79 8.00
N VAL B 285 -8.46 16.22 9.19
CA VAL B 285 -8.97 14.90 9.53
C VAL B 285 -9.81 14.97 10.77
N ASN B 286 -10.73 14.04 10.93
CA ASN B 286 -11.60 14.03 12.09
CA ASN B 286 -11.54 14.04 12.12
C ASN B 286 -11.32 12.79 13.00
N ILE B 287 -11.57 12.94 14.31
CA ILE B 287 -11.51 11.84 15.26
C ILE B 287 -12.76 10.94 15.14
N ILE B 288 -12.53 9.65 14.81
CA ILE B 288 -13.58 8.70 14.66
C ILE B 288 -13.76 7.70 15.87
N ALA B 289 -12.78 7.59 16.75
CA ALA B 289 -12.86 6.69 17.90
C ALA B 289 -11.88 7.21 18.91
N LYS B 290 -12.12 6.93 20.21
CA LYS B 290 -11.27 7.42 21.27
C LYS B 290 -11.25 6.36 22.41
N LYS B 291 -10.09 6.15 22.95
CA LYS B 291 -9.87 5.14 23.97
C LYS B 291 -9.07 5.72 25.11
N VAL B 292 -9.55 5.44 26.34
CA VAL B 292 -8.68 5.61 27.59
C VAL B 292 -7.78 4.41 27.96
N ALA B 311 -3.66 8.72 29.74
CA ALA B 311 -3.30 8.83 28.32
C ALA B 311 -4.62 8.57 27.52
N PHE B 312 -4.74 9.24 26.35
CA PHE B 312 -5.85 8.97 25.40
C PHE B 312 -5.27 8.51 24.04
N VAL B 313 -5.96 7.56 23.41
CA VAL B 313 -5.62 7.16 22.02
C VAL B 313 -6.77 7.70 21.14
N TYR B 314 -6.46 8.43 20.08
CA TYR B 314 -7.52 8.89 19.15
C TYR B 314 -7.32 8.20 17.80
N TYR B 315 -8.41 7.64 17.26
CA TYR B 315 -8.37 7.03 15.94
C TYR B 315 -8.91 8.05 14.96
N MET B 316 -8.16 8.28 13.90
CA MET B 316 -8.46 9.28 12.88
CA MET B 316 -8.56 9.29 12.92
C MET B 316 -9.09 8.65 11.62
N ASN B 317 -9.74 9.45 10.79
CA ASN B 317 -10.29 8.96 9.57
C ASN B 317 -9.26 8.98 8.40
N ASP B 318 -7.99 9.20 8.69
CA ASP B 318 -6.93 8.99 7.65
C ASP B 318 -5.72 8.44 8.40
N GLY B 319 -4.91 7.65 7.74
CA GLY B 319 -3.80 6.94 8.37
C GLY B 319 -2.69 6.57 7.39
N VAL B 320 -1.90 5.56 7.78
CA VAL B 320 -0.70 5.15 7.00
C VAL B 320 -1.05 4.48 5.64
N TYR B 321 -2.27 3.90 5.50
CA TYR B 321 -2.68 3.37 4.20
C TYR B 321 -3.40 4.44 3.38
N GLY B 322 -3.32 5.69 3.84
CA GLY B 322 -3.80 6.81 3.00
C GLY B 322 -2.76 7.91 2.96
N SER B 323 -3.06 9.06 3.60
CA SER B 323 -2.23 10.28 3.54
C SER B 323 -0.91 10.30 4.34
N PHE B 324 -0.77 9.43 5.34
CA PHE B 324 0.37 9.39 6.28
C PHE B 324 1.31 8.23 5.98
N ALA B 325 1.36 7.88 4.69
CA ALA B 325 2.16 6.75 4.23
C ALA B 325 3.69 7.05 4.56
N SER B 326 4.09 8.31 4.58
CA SER B 326 5.56 8.66 4.79
C SER B 326 6.01 8.22 6.20
N LYS B 327 5.05 8.08 7.12
CA LYS B 327 5.33 7.65 8.50
C LYS B 327 6.08 6.31 8.39
N LEU B 328 5.65 5.43 7.48
CA LEU B 328 6.33 4.12 7.33
C LEU B 328 7.83 4.41 6.95
N THR B 334 2.19 17.73 10.03
CA THR B 334 3.54 17.42 10.56
C THR B 334 3.64 17.59 12.12
N ILE B 335 3.02 18.61 12.68
CA ILE B 335 2.58 18.61 14.12
C ILE B 335 1.06 18.74 13.97
N PRO B 336 0.28 17.92 14.67
CA PRO B 336 -1.17 18.09 14.63
C PRO B 336 -1.68 19.33 15.42
N GLU B 337 -2.57 20.12 14.84
CA GLU B 337 -3.10 21.26 15.51
C GLU B 337 -4.62 21.07 15.75
N VAL B 338 -5.08 21.31 16.96
CA VAL B 338 -6.53 21.19 17.26
C VAL B 338 -7.26 22.30 16.56
N HIS B 339 -8.35 21.99 15.86
CA HIS B 339 -9.09 22.99 15.16
C HIS B 339 -10.04 23.83 16.10
N LYS B 340 -10.72 23.19 17.04
CA LYS B 340 -11.66 23.96 17.97
C LYS B 340 -11.00 25.10 18.78
N PRO B 347 -5.26 22.65 29.55
CA PRO B 347 -5.33 21.29 30.23
C PRO B 347 -4.99 20.06 29.30
N LEU B 348 -3.69 19.73 29.22
CA LEU B 348 -3.12 18.79 28.24
C LEU B 348 -2.78 17.38 28.74
N PHE B 349 -3.10 16.37 27.90
CA PHE B 349 -2.73 14.98 28.20
C PHE B 349 -1.81 14.41 27.13
N THR B 350 -0.96 13.44 27.50
CA THR B 350 -0.27 12.58 26.50
C THR B 350 -1.26 11.71 25.66
N SER B 351 -1.21 11.91 24.33
CA SER B 351 -2.08 11.13 23.48
C SER B 351 -1.33 10.68 22.26
N SER B 352 -1.74 9.52 21.72
CA SER B 352 -1.23 8.98 20.43
C SER B 352 -2.37 9.00 19.42
N LEU B 353 -2.00 9.19 18.18
CA LEU B 353 -2.99 9.32 17.13
C LEU B 353 -2.77 8.09 16.23
N TRP B 354 -3.88 7.39 15.94
CA TRP B 354 -3.84 6.16 15.10
C TRP B 354 -4.77 6.38 13.90
N GLY B 355 -4.46 5.72 12.78
CA GLY B 355 -5.31 5.63 11.66
C GLY B 355 -6.49 4.69 11.84
N PRO B 356 -7.40 4.66 10.85
CA PRO B 356 -8.70 4.02 10.92
C PRO B 356 -8.54 2.46 10.78
N SER B 357 -7.36 1.97 10.36
CA SER B 357 -7.23 0.54 9.94
C SER B 357 -7.26 -0.60 10.97
N CYS B 358 -7.13 -0.28 12.25
CA CYS B 358 -6.64 -1.14 13.32
C CYS B 358 -5.53 -2.24 13.03
N ASP B 359 -4.43 -1.70 12.47
CA ASP B 359 -3.29 -2.46 11.96
C ASP B 359 -2.17 -1.95 12.85
N GLU B 360 -1.28 -2.88 13.23
CA GLU B 360 -0.14 -2.49 14.07
C GLU B 360 0.72 -1.41 13.43
N LEU B 361 0.65 -1.24 12.11
CA LEU B 361 1.47 -0.21 11.41
C LEU B 361 0.85 1.17 11.46
N ASP B 362 -0.39 1.27 11.97
CA ASP B 362 -1.18 2.47 11.72
C ASP B 362 -1.10 3.48 12.86
N GLN B 363 0.07 3.64 13.46
CA GLN B 363 0.19 4.63 14.54
C GLN B 363 0.85 5.86 13.94
N ILE B 364 0.21 6.98 14.07
CA ILE B 364 0.69 8.11 13.27
C ILE B 364 1.57 9.04 14.16
N VAL B 365 1.06 9.36 15.34
CA VAL B 365 1.81 10.16 16.35
C VAL B 365 1.82 9.28 17.58
N GLU B 366 3.02 8.82 17.91
CA GLU B 366 3.25 7.97 19.11
C GLU B 366 2.92 8.71 20.43
N SER B 367 3.42 9.91 20.62
CA SER B 367 2.90 10.67 21.75
C SER B 367 2.98 12.20 21.54
N CYS B 368 1.92 12.87 21.99
CA CYS B 368 1.90 14.31 21.94
C CYS B 368 1.00 14.86 23.05
N LEU B 369 1.07 16.17 23.27
CA LEU B 369 0.22 16.76 24.26
C LEU B 369 -1.02 17.39 23.62
N LEU B 370 -2.16 16.94 24.08
CA LEU B 370 -3.34 17.52 23.51
C LEU B 370 -4.39 17.60 24.55
N PRO B 371 -5.24 18.64 24.46
CA PRO B 371 -6.39 18.73 25.34
C PRO B 371 -7.29 17.56 25.07
N GLU B 372 -8.17 17.19 26.01
CA GLU B 372 -8.93 15.98 25.85
C GLU B 372 -9.87 16.19 24.66
N LEU B 373 -10.02 15.21 23.76
CA LEU B 373 -10.81 15.47 22.58
C LEU B 373 -12.02 14.56 22.51
N ASN B 374 -12.96 14.90 21.66
CA ASN B 374 -14.12 14.09 21.43
C ASN B 374 -14.20 13.56 19.97
N VAL B 375 -14.88 12.43 19.82
CA VAL B 375 -15.18 11.89 18.56
C VAL B 375 -15.93 13.01 17.84
N GLY B 376 -15.54 13.32 16.58
CA GLY B 376 -16.18 14.36 15.80
C GLY B 376 -15.26 15.60 15.75
N ASP B 377 -14.24 15.68 16.60
CA ASP B 377 -13.35 16.82 16.56
C ASP B 377 -12.30 16.74 15.40
N TRP B 378 -11.87 17.89 14.89
CA TRP B 378 -10.97 18.00 13.77
C TRP B 378 -9.61 18.31 14.22
N LEU B 379 -8.59 17.67 13.57
CA LEU B 379 -7.19 18.02 13.72
C LEU B 379 -6.64 18.41 12.37
N ILE B 380 -5.67 19.35 12.37
CA ILE B 380 -5.16 20.04 11.17
C ILE B 380 -3.67 19.79 11.12
N PHE B 381 -3.21 19.28 9.98
CA PHE B 381 -1.80 18.89 9.76
C PHE B 381 -1.26 19.73 8.59
N ASP B 382 -0.27 20.56 8.87
CA ASP B 382 0.30 21.45 7.86
C ASP B 382 1.39 20.67 7.17
N ASN B 383 1.85 21.12 6.04
CA ASN B 383 3.02 20.54 5.39
C ASN B 383 2.76 19.11 4.96
N MET B 384 1.55 18.90 4.40
CA MET B 384 1.16 17.53 3.98
C MET B 384 1.17 17.28 2.49
N GLY B 385 1.90 18.08 1.71
CA GLY B 385 1.84 17.90 0.29
C GLY B 385 2.66 16.77 -0.35
N ALA B 386 3.69 16.25 0.35
CA ALA B 386 4.60 15.33 -0.30
C ALA B 386 4.30 13.94 0.19
N ASP B 387 4.28 12.99 -0.76
CA ASP B 387 4.19 11.56 -0.37
C ASP B 387 2.90 11.23 0.45
N SER B 388 1.75 11.79 0.04
CA SER B 388 0.53 11.83 0.82
C SER B 388 -0.65 11.67 -0.15
N PHE B 389 -0.50 11.93 -1.46
CA PHE B 389 -1.64 11.88 -2.36
C PHE B 389 -1.66 10.47 -3.02
N HIS B 390 -2.16 9.52 -2.30
CA HIS B 390 -2.18 8.12 -2.75
C HIS B 390 -3.61 7.71 -3.27
N GLU B 391 -3.78 6.57 -3.95
CA GLU B 391 -5.07 6.25 -4.52
C GLU B 391 -5.96 5.51 -3.49
N PRO B 392 -7.26 5.48 -3.74
CA PRO B 392 -8.16 4.67 -2.94
C PRO B 392 -7.70 3.20 -3.11
N SER B 393 -7.68 2.44 -2.03
CA SER B 393 -7.26 1.05 -2.17
C SER B 393 -8.00 0.21 -1.08
N ALA B 394 -7.88 -1.13 -1.15
CA ALA B 394 -8.61 -2.02 -0.24
C ALA B 394 -8.26 -1.62 1.16
N PHE B 395 -7.03 -1.18 1.29
CA PHE B 395 -6.57 -0.95 2.70
C PHE B 395 -7.23 0.31 3.36
N ASN B 396 -7.73 1.28 2.56
CA ASN B 396 -8.36 2.46 3.20
C ASN B 396 -9.91 2.39 2.90
N ASP B 397 -10.38 1.15 2.58
CA ASP B 397 -11.79 0.95 2.16
C ASP B 397 -12.11 1.86 1.03
N PHE B 398 -11.14 2.13 0.14
CA PHE B 398 -11.38 2.88 -1.05
C PHE B 398 -11.80 4.33 -0.81
N GLN B 399 -11.41 4.93 0.33
CA GLN B 399 -11.93 6.27 0.72
C GLN B 399 -10.70 7.19 0.61
N ARG B 400 -10.81 8.38 0.04
CA ARG B 400 -9.69 9.33 0.10
C ARG B 400 -10.23 10.74 0.40
N PRO B 401 -9.40 11.60 0.98
CA PRO B 401 -9.82 12.94 1.30
C PRO B 401 -10.29 13.68 0.08
N ALA B 402 -11.24 14.57 0.27
CA ALA B 402 -11.57 15.61 -0.74
C ALA B 402 -10.33 16.51 -1.00
N ILE B 403 -10.32 17.20 -2.11
CA ILE B 403 -9.22 18.12 -2.43
C ILE B 403 -9.86 19.43 -2.88
N TYR B 404 -9.58 20.51 -2.15
CA TYR B 404 -9.98 21.83 -2.53
C TYR B 404 -8.77 22.74 -2.84
N PHE B 405 -8.87 23.55 -3.88
CA PHE B 405 -7.69 24.33 -4.36
C PHE B 405 -8.07 25.80 -4.24
N MET B 406 -7.07 26.63 -3.96
CA MET B 406 -7.26 28.08 -3.77
C MET B 406 -5.92 28.70 -4.18
N MET B 407 -5.94 30.01 -4.44
CA MET B 407 -4.73 30.85 -4.78
C MET B 407 -5.24 32.31 -4.38
N SER B 408 -4.30 33.22 -3.99
CA SER B 408 -4.63 34.63 -3.86
C SER B 408 -5.01 35.15 -5.21
N PHE B 409 -5.86 36.13 -5.15
CA PHE B 409 -6.24 36.83 -6.39
C PHE B 409 -4.94 37.34 -7.08
N SER B 410 -4.00 37.82 -6.27
CA SER B 410 -2.81 38.37 -6.84
C SER B 410 -1.90 37.29 -7.46
N ASP B 411 -1.82 36.07 -6.86
CA ASP B 411 -1.12 34.98 -7.61
C ASP B 411 -1.75 34.70 -8.93
N TRP B 412 -3.10 34.73 -9.00
CA TRP B 412 -3.74 34.45 -10.25
C TRP B 412 -3.43 35.61 -11.27
N TYR B 413 -3.61 36.84 -10.77
CA TYR B 413 -3.34 38.00 -11.61
C TYR B 413 -1.94 37.93 -12.16
N GLU B 414 -0.89 37.60 -11.35
CA GLU B 414 0.47 37.47 -11.96
C GLU B 414 0.59 36.35 -13.05
N MET B 415 -0.20 35.28 -12.90
CA MET B 415 -0.05 34.16 -13.85
C MET B 415 -0.72 34.54 -15.11
N GLN B 416 -1.85 35.21 -14.96
CA GLN B 416 -2.55 35.65 -16.15
C GLN B 416 -1.71 36.67 -16.93
N ASP B 417 -0.98 37.50 -16.21
CA ASP B 417 -0.04 38.40 -16.86
C ASP B 417 1.19 37.76 -17.52
N ALA B 418 1.67 36.63 -17.00
CA ALA B 418 2.69 35.85 -17.68
C ALA B 418 2.15 35.09 -18.92
N GLY B 419 0.85 35.13 -19.16
CA GLY B 419 0.19 34.38 -20.22
C GLY B 419 -0.02 32.88 -19.91
N ILE B 420 0.37 32.41 -18.69
CA ILE B 420 0.31 31.00 -18.26
C ILE B 420 -1.19 30.58 -18.31
N THR B 421 -2.10 31.44 -17.84
CA THR B 421 -3.51 31.06 -17.77
C THR B 421 -4.13 30.84 -19.12
N SER B 422 -3.53 31.34 -20.19
CA SER B 422 -4.14 31.11 -21.51
C SER B 422 -3.45 29.95 -22.33
N ASP B 423 -2.36 29.39 -21.79
CA ASP B 423 -1.80 28.15 -22.29
C ASP B 423 -2.84 27.00 -22.24
N ALA B 424 -2.89 26.20 -23.32
CA ALA B 424 -3.76 25.01 -23.42
C ALA B 424 -3.47 24.03 -22.26
N MET B 425 -2.25 24.00 -21.77
CA MET B 425 -1.98 23.16 -20.62
C MET B 425 -2.81 23.52 -19.28
N MET B 426 -3.31 24.76 -19.15
CA MET B 426 -4.16 25.14 -18.03
C MET B 426 -5.65 25.07 -18.42
N LYS B 427 -6.00 24.36 -19.48
CA LYS B 427 -7.42 24.33 -19.91
C LYS B 427 -8.41 23.79 -18.84
N ASN B 428 -7.95 23.03 -17.83
CA ASN B 428 -8.91 22.37 -16.95
C ASN B 428 -9.10 23.14 -15.66
N PHE B 429 -8.43 24.30 -15.56
CA PHE B 429 -8.56 25.14 -14.35
C PHE B 429 -9.65 26.16 -14.54
N PHE B 430 -10.50 26.26 -13.53
CA PHE B 430 -11.53 27.30 -13.53
CA PHE B 430 -11.52 27.31 -13.54
C PHE B 430 -11.32 28.15 -12.28
N PHE B 431 -10.98 29.43 -12.46
CA PHE B 431 -10.70 30.30 -11.33
C PHE B 431 -11.96 31.20 -11.09
N ALA B 432 -12.42 31.27 -9.84
CA ALA B 432 -13.52 32.15 -9.45
C ALA B 432 -13.19 32.87 -8.14
N PRO B 433 -13.63 34.15 -7.90
CA PRO B 433 -13.60 34.65 -6.49
C PRO B 433 -14.23 33.63 -5.49
N SER B 434 -13.61 33.40 -4.34
CA SER B 434 -13.98 32.21 -3.58
C SER B 434 -15.42 32.23 -2.93
#